data_4QDV
#
_entry.id   4QDV
#
_cell.length_a   101.090
_cell.length_b   105.510
_cell.length_c   140.000
_cell.angle_alpha   90.00
_cell.angle_beta   90.00
_cell.angle_gamma   90.00
#
_symmetry.space_group_name_H-M   'P 21 21 21'
#
loop_
_entity.id
_entity.type
_entity.pdbx_description
1 polymer 'm7GpppX diphosphatase'
2 non-polymer '4-{[(2,4-diaminoquinazolin-5-yl)oxy]methyl}benzenesulfonic acid'
3 non-polymer 'PHOSPHATE ION'
4 non-polymer GLYCEROL
#
_entity_poly.entity_id   1
_entity_poly.type   'polypeptide(L)'
_entity_poly.pdbx_seq_one_letter_code
;GADAAPQLGKRKRELDVEEAHAASTEEKEAGVGNGTCAPVRLPFSGFRLQKVLRESARDKIIFLHGKVNEASGDGDGEDA
VVILEKTPFQVEQVAQLLTGSPELQLQFSNDIYSTYHLFPPRQLNDVKTTVVYPATEKHLQKYLRQDLRLIRETGDDYRN
ITLPHLESQSLSIQWVYNILDKKAEADRIVFENPDPSDGFVLIPDLKWNQQQLDDLYLIAICHRRGIRSLRDLTPEHLPL
LRNILHQGQEAILQRYRMKGDHLRVYLHYLPSYYHLHVHFTALGFEAPGSGVERAHLLAEVIENLECDPRHYQQRTLTFA
LRADDPLLKLLQEAQQS
;
_entity_poly.pdbx_strand_id   A,B,C,D
#
# COMPACT_ATOMS: atom_id res chain seq x y z
N VAL A 40 40.90 -26.25 25.08
CA VAL A 40 39.98 -27.39 24.94
C VAL A 40 39.53 -27.60 23.48
N ARG A 41 39.55 -28.88 23.05
CA ARG A 41 39.16 -29.37 21.73
C ARG A 41 37.63 -29.29 21.57
N LEU A 42 37.17 -29.11 20.33
CA LEU A 42 35.75 -29.09 19.96
C LEU A 42 35.14 -30.47 20.29
N PRO A 43 33.81 -30.59 20.46
CA PRO A 43 33.21 -31.92 20.74
C PRO A 43 33.37 -32.97 19.62
N PHE A 44 33.94 -32.55 18.48
CA PHE A 44 34.17 -33.37 17.28
C PHE A 44 35.59 -33.15 16.71
N SER A 45 35.86 -33.74 15.53
CA SER A 45 37.11 -33.60 14.80
C SER A 45 36.81 -33.10 13.39
N GLY A 46 37.35 -31.94 13.03
CA GLY A 46 37.18 -31.33 11.72
C GLY A 46 35.81 -30.71 11.47
N PHE A 47 35.79 -29.63 10.67
CA PHE A 47 34.57 -28.91 10.30
C PHE A 47 34.54 -28.65 8.80
N ARG A 48 33.40 -28.94 8.16
CA ARG A 48 33.19 -28.78 6.73
C ARG A 48 31.92 -27.94 6.57
N LEU A 49 32.07 -26.61 6.38
CA LEU A 49 30.92 -25.71 6.25
C LEU A 49 30.00 -26.11 5.12
N GLN A 50 28.71 -26.26 5.43
CA GLN A 50 27.67 -26.63 4.48
C GLN A 50 26.89 -25.42 3.97
N LYS A 51 26.41 -24.57 4.90
CA LYS A 51 25.63 -23.38 4.62
C LYS A 51 25.74 -22.41 5.79
N VAL A 52 25.72 -21.10 5.50
CA VAL A 52 25.74 -20.03 6.49
C VAL A 52 24.26 -19.78 6.79
N LEU A 53 23.72 -20.39 7.86
CA LEU A 53 22.32 -20.34 8.27
C LEU A 53 21.80 -18.90 8.45
N ARG A 54 22.63 -18.06 9.14
CA ARG A 54 22.34 -16.65 9.41
C ARG A 54 23.66 -15.88 9.55
N GLU A 55 23.71 -14.66 9.01
CA GLU A 55 24.88 -13.78 9.03
C GLU A 55 24.42 -12.33 9.24
N SER A 56 24.45 -11.88 10.51
CA SER A 56 24.05 -10.52 10.87
C SER A 56 25.29 -9.65 11.12
N ALA A 57 25.38 -8.56 10.35
CA ALA A 57 26.45 -7.57 10.44
C ALA A 57 26.13 -6.56 11.53
N ARG A 58 24.84 -6.37 11.84
CA ARG A 58 24.39 -5.43 12.88
C ARG A 58 24.59 -6.05 14.28
N ASP A 59 24.31 -7.35 14.45
CA ASP A 59 24.46 -8.05 15.74
C ASP A 59 25.86 -8.74 15.86
N LYS A 60 26.73 -8.64 14.82
CA LYS A 60 28.11 -9.21 14.74
C LYS A 60 28.10 -10.71 15.11
N ILE A 61 27.11 -11.43 14.56
CA ILE A 61 26.89 -12.86 14.81
C ILE A 61 26.83 -13.65 13.49
N ILE A 62 27.23 -14.96 13.54
CA ILE A 62 27.19 -15.89 12.41
C ILE A 62 26.71 -17.27 12.88
N PHE A 63 25.84 -17.89 12.10
CA PHE A 63 25.32 -19.23 12.38
C PHE A 63 25.73 -20.08 11.19
N LEU A 64 26.59 -21.09 11.45
CA LEU A 64 27.18 -21.97 10.44
C LEU A 64 26.81 -23.44 10.63
N HIS A 65 26.33 -24.08 9.56
CA HIS A 65 26.01 -25.51 9.58
C HIS A 65 27.20 -26.21 8.93
N GLY A 66 27.68 -27.26 9.59
CA GLY A 66 28.81 -28.03 9.11
C GLY A 66 28.80 -29.51 9.43
N LYS A 67 29.46 -30.26 8.57
CA LYS A 67 29.58 -31.71 8.68
C LYS A 67 30.89 -32.04 9.43
N VAL A 68 30.80 -32.94 10.42
CA VAL A 68 31.90 -33.29 11.31
C VAL A 68 32.21 -34.80 11.34
N GLU A 78 28.31 -36.88 10.49
CA GLU A 78 27.60 -36.17 11.56
C GLU A 78 27.37 -34.67 11.30
N ASP A 79 26.27 -34.12 11.85
CA ASP A 79 25.86 -32.71 11.71
C ASP A 79 26.12 -31.84 12.96
N ALA A 80 26.67 -30.61 12.75
CA ALA A 80 26.96 -29.65 13.85
C ALA A 80 26.78 -28.18 13.48
N VAL A 81 26.18 -27.40 14.37
CA VAL A 81 25.95 -25.97 14.19
C VAL A 81 26.83 -25.17 15.14
N VAL A 82 27.67 -24.28 14.59
CA VAL A 82 28.60 -23.45 15.37
C VAL A 82 28.19 -21.98 15.25
N ILE A 83 27.91 -21.35 16.40
CA ILE A 83 27.52 -19.93 16.49
C ILE A 83 28.69 -19.14 17.06
N LEU A 84 29.13 -18.13 16.31
CA LEU A 84 30.21 -17.22 16.74
C LEU A 84 29.64 -15.81 16.89
N GLU A 85 29.88 -15.18 18.04
CA GLU A 85 29.38 -13.85 18.33
C GLU A 85 30.53 -13.02 18.91
N LYS A 86 30.68 -11.78 18.43
CA LYS A 86 31.70 -10.86 18.96
C LYS A 86 31.19 -10.38 20.32
N THR A 87 32.04 -10.44 21.35
CA THR A 87 31.65 -10.09 22.73
C THR A 87 31.53 -8.57 22.97
N PRO A 88 30.52 -8.08 23.78
CA PRO A 88 30.43 -6.63 24.03
C PRO A 88 31.64 -6.06 24.78
N PHE A 89 31.86 -4.75 24.66
CA PHE A 89 33.00 -4.10 25.31
C PHE A 89 32.89 -4.03 26.82
N GLN A 90 34.05 -4.26 27.48
CA GLN A 90 34.24 -4.22 28.92
C GLN A 90 35.03 -2.94 29.22
N VAL A 91 34.29 -1.91 29.67
CA VAL A 91 34.72 -0.54 30.00
C VAL A 91 36.16 -0.46 30.54
N GLU A 92 36.47 -1.29 31.55
CA GLU A 92 37.76 -1.34 32.23
C GLU A 92 38.93 -1.59 31.28
N GLN A 93 38.92 -2.75 30.61
CA GLN A 93 39.97 -3.21 29.70
C GLN A 93 40.13 -2.34 28.44
N VAL A 94 39.11 -1.54 28.10
CA VAL A 94 39.12 -0.59 26.97
C VAL A 94 39.80 0.71 27.42
N ALA A 95 39.37 1.27 28.60
CA ALA A 95 39.90 2.49 29.21
C ALA A 95 41.42 2.34 29.45
N GLN A 96 41.83 1.16 29.93
CA GLN A 96 43.20 0.72 30.20
C GLN A 96 44.01 0.67 28.88
N LEU A 97 43.38 0.25 27.77
CA LEU A 97 44.02 0.16 26.46
C LEU A 97 44.28 1.55 25.85
N LEU A 98 43.29 2.45 25.93
CA LEU A 98 43.40 3.81 25.39
C LEU A 98 44.42 4.69 26.14
N THR A 99 44.67 4.42 27.44
CA THR A 99 45.65 5.18 28.23
C THR A 99 47.10 4.91 27.76
N GLY A 100 47.31 3.78 27.07
CA GLY A 100 48.61 3.38 26.52
C GLY A 100 48.78 3.64 25.04
N SER A 101 49.60 2.80 24.37
CA SER A 101 49.89 2.91 22.93
C SER A 101 49.25 1.77 22.10
N PRO A 102 48.03 1.97 21.55
CA PRO A 102 47.39 0.90 20.76
C PRO A 102 47.89 0.80 19.32
N GLU A 103 47.65 -0.37 18.68
CA GLU A 103 48.00 -0.65 17.28
C GLU A 103 46.83 -0.22 16.40
N LEU A 104 46.97 0.97 15.76
CA LEU A 104 45.95 1.56 14.90
C LEU A 104 46.44 1.76 13.46
N GLN A 105 45.52 1.63 12.49
CA GLN A 105 45.78 1.82 11.06
C GLN A 105 44.62 2.65 10.50
N LEU A 106 44.89 3.92 10.17
CA LEU A 106 43.89 4.88 9.67
C LEU A 106 43.17 4.43 8.40
N GLN A 107 41.82 4.47 8.42
CA GLN A 107 41.01 4.18 7.23
C GLN A 107 40.84 5.52 6.50
N PHE A 108 40.21 6.53 7.19
CA PHE A 108 39.93 7.88 6.68
C PHE A 108 40.07 8.99 7.76
N SER A 109 40.11 10.28 7.34
CA SER A 109 40.24 11.46 8.22
C SER A 109 39.29 12.61 7.82
N ASN A 110 39.27 13.71 8.63
CA ASN A 110 38.45 14.92 8.41
C ASN A 110 39.02 16.12 9.17
N ILE A 112 36.85 16.75 11.57
CA ILE A 112 37.29 16.22 12.87
C ILE A 112 37.19 14.68 12.95
N TYR A 113 36.29 14.06 12.12
CA TYR A 113 36.01 12.62 12.04
C TYR A 113 37.16 11.78 11.42
N SER A 114 37.91 11.01 12.25
CA SER A 114 38.98 10.11 11.79
C SER A 114 38.68 8.66 12.17
N THR A 115 38.77 7.73 11.19
CA THR A 115 38.50 6.30 11.39
C THR A 115 39.80 5.48 11.35
N TYR A 116 39.86 4.41 12.16
CA TYR A 116 41.02 3.52 12.29
C TYR A 116 40.61 2.05 12.30
N HIS A 117 41.61 1.18 12.20
CA HIS A 117 41.49 -0.26 12.30
C HIS A 117 42.35 -0.64 13.49
N LEU A 118 41.71 -1.12 14.57
CA LEU A 118 42.37 -1.47 15.81
C LEU A 118 42.54 -2.98 16.00
N PHE A 119 43.73 -3.39 16.46
CA PHE A 119 44.06 -4.78 16.73
C PHE A 119 44.44 -4.96 18.20
N PRO A 120 43.43 -5.18 19.07
CA PRO A 120 43.69 -5.27 20.51
C PRO A 120 44.29 -6.60 20.98
N PRO A 121 44.88 -6.67 22.20
CA PRO A 121 45.44 -7.94 22.67
C PRO A 121 44.34 -8.92 23.12
N ARG A 122 44.72 -10.21 23.24
CA ARG A 122 43.93 -11.39 23.60
C ARG A 122 42.69 -11.11 24.46
N GLN A 123 42.84 -10.39 25.59
CA GLN A 123 41.73 -10.09 26.51
C GLN A 123 40.47 -9.55 25.81
N LEU A 124 40.65 -8.57 24.91
CA LEU A 124 39.54 -7.92 24.19
C LEU A 124 39.01 -8.74 23.01
N ASN A 125 39.80 -9.76 22.58
CA ASN A 125 39.52 -10.63 21.44
C ASN A 125 38.60 -11.84 21.73
N ASP A 126 37.76 -11.77 22.78
CA ASP A 126 36.83 -12.86 23.11
C ASP A 126 35.69 -12.95 22.09
N VAL A 127 35.35 -14.20 21.70
CA VAL A 127 34.26 -14.51 20.78
C VAL A 127 33.42 -15.64 21.43
N LYS A 128 32.10 -15.41 21.58
CA LYS A 128 31.15 -16.36 22.14
C LYS A 128 30.95 -17.52 21.15
N THR A 129 31.30 -18.75 21.55
CA THR A 129 31.20 -19.93 20.69
C THR A 129 30.24 -20.98 21.22
N THR A 130 29.05 -21.04 20.61
CA THR A 130 28.04 -22.03 20.95
C THR A 130 28.11 -23.16 19.92
N VAL A 131 28.28 -24.40 20.38
CA VAL A 131 28.36 -25.56 19.50
C VAL A 131 27.19 -26.51 19.79
N VAL A 132 26.42 -26.83 18.76
CA VAL A 132 25.28 -27.74 18.84
C VAL A 132 25.66 -29.03 18.10
N TYR A 133 26.03 -30.09 18.84
CA TYR A 133 26.43 -31.38 18.27
C TYR A 133 25.92 -32.60 19.08
N PRO A 134 25.16 -33.53 18.43
CA PRO A 134 24.67 -33.51 17.04
C PRO A 134 23.41 -32.62 16.89
N ALA A 135 23.37 -31.79 15.81
CA ALA A 135 22.26 -30.85 15.52
C ALA A 135 21.19 -31.50 14.63
N THR A 136 19.93 -31.43 15.07
CA THR A 136 18.78 -32.03 14.37
C THR A 136 18.26 -31.12 13.25
N GLU A 137 17.29 -31.62 12.44
CA GLU A 137 16.67 -30.83 11.38
C GLU A 137 15.86 -29.64 11.94
N LYS A 138 15.42 -29.71 13.22
CA LYS A 138 14.71 -28.63 13.90
C LYS A 138 15.66 -27.45 14.07
N HIS A 139 16.97 -27.74 14.34
CA HIS A 139 18.04 -26.76 14.55
C HIS A 139 18.39 -26.04 13.27
N LEU A 140 18.58 -26.82 12.20
CA LEU A 140 18.97 -26.30 10.88
C LEU A 140 17.91 -25.37 10.28
N GLN A 141 16.62 -25.68 10.50
CA GLN A 141 15.53 -24.84 10.00
C GLN A 141 15.36 -23.56 10.81
N LYS A 142 15.55 -23.65 12.15
CA LYS A 142 15.37 -22.57 13.11
C LYS A 142 16.28 -21.37 12.86
N TYR A 143 17.59 -21.60 12.75
CA TYR A 143 18.56 -20.50 12.64
C TYR A 143 18.55 -19.75 11.32
N LEU A 144 17.90 -20.32 10.30
CA LEU A 144 17.76 -19.77 8.97
C LEU A 144 16.90 -18.50 8.94
N ARG A 145 17.37 -17.49 8.19
CA ARG A 145 16.64 -16.25 8.04
C ARG A 145 15.53 -16.32 6.99
N GLN A 146 14.28 -16.12 7.47
CA GLN A 146 13.07 -16.06 6.66
C GLN A 146 12.30 -14.80 7.02
N ASP A 147 11.44 -14.31 6.10
CA ASP A 147 10.65 -13.12 6.37
C ASP A 147 9.62 -13.51 7.40
N LEU A 148 9.30 -12.58 8.29
CA LEU A 148 8.30 -12.85 9.32
C LEU A 148 6.95 -12.27 8.98
N ARG A 149 5.91 -12.98 9.37
CA ARG A 149 4.54 -12.58 9.21
C ARG A 149 3.89 -12.62 10.58
N LEU A 150 3.04 -11.66 10.87
CA LEU A 150 2.37 -11.56 12.15
C LEU A 150 1.03 -12.31 12.09
N ILE A 151 0.65 -12.98 13.18
CA ILE A 151 -0.62 -13.70 13.25
C ILE A 151 -1.32 -13.45 14.59
N ARG A 152 -2.66 -13.36 14.56
CA ARG A 152 -3.47 -13.13 15.74
C ARG A 152 -4.31 -14.36 16.02
N GLU A 153 -3.85 -15.14 17.01
CA GLU A 153 -4.44 -16.43 17.39
C GLU A 153 -5.52 -16.28 18.47
N THR A 154 -6.77 -16.62 18.12
CA THR A 154 -7.88 -16.58 19.07
C THR A 154 -7.76 -17.82 19.95
N GLY A 155 -8.56 -17.86 21.04
CA GLY A 155 -8.59 -18.98 21.97
C GLY A 155 -8.91 -20.27 21.26
N ASP A 156 -9.88 -20.21 20.31
CA ASP A 156 -10.29 -21.34 19.47
C ASP A 156 -9.20 -21.73 18.48
N ASP A 157 -8.47 -20.76 17.91
CA ASP A 157 -7.35 -21.03 16.98
C ASP A 157 -6.31 -21.88 17.71
N TYR A 158 -5.98 -21.52 18.96
CA TYR A 158 -5.01 -22.28 19.76
C TYR A 158 -5.49 -23.70 20.03
N ARG A 159 -6.73 -23.84 20.54
CA ARG A 159 -7.31 -25.12 20.89
C ARG A 159 -7.33 -26.08 19.69
N ASN A 160 -7.87 -25.62 18.56
CA ASN A 160 -8.05 -26.41 17.34
C ASN A 160 -6.85 -26.54 16.39
N ILE A 161 -5.99 -25.51 16.28
CA ILE A 161 -4.89 -25.50 15.31
C ILE A 161 -3.51 -25.56 15.96
N THR A 162 -3.20 -24.63 16.88
CA THR A 162 -1.87 -24.53 17.47
C THR A 162 -1.53 -25.72 18.36
N LEU A 163 -2.38 -26.03 19.35
CA LEU A 163 -2.17 -27.14 20.32
C LEU A 163 -1.99 -28.48 19.63
N PRO A 164 -2.86 -28.89 18.65
CA PRO A 164 -2.62 -30.16 17.96
C PRO A 164 -1.31 -30.20 17.17
N HIS A 165 -0.89 -29.07 16.57
CA HIS A 165 0.38 -28.96 15.87
C HIS A 165 1.56 -29.14 16.81
N LEU A 166 1.49 -28.48 17.97
CA LEU A 166 2.48 -28.53 19.04
C LEU A 166 2.67 -29.97 19.54
N GLU A 167 1.54 -30.67 19.78
CA GLU A 167 1.48 -32.04 20.26
C GLU A 167 2.07 -33.00 19.25
N SER A 168 2.00 -32.67 17.93
CA SER A 168 2.57 -33.47 16.86
C SER A 168 4.07 -33.57 17.05
N GLN A 169 4.64 -32.61 17.83
CA GLN A 169 5.99 -32.41 18.42
C GLN A 169 6.66 -31.11 17.92
N SER A 170 7.57 -30.61 18.79
CA SER A 170 8.50 -29.48 18.67
C SER A 170 9.99 -29.96 18.91
N LEU A 171 10.59 -29.61 20.07
CA LEU A 171 11.98 -29.96 20.40
C LEU A 171 12.15 -30.82 21.69
N SER A 172 13.36 -31.39 21.82
CA SER A 172 13.77 -32.07 23.04
C SER A 172 14.01 -30.94 24.06
N ILE A 173 13.58 -31.20 25.28
CA ILE A 173 13.68 -30.26 26.37
C ILE A 173 14.73 -30.78 27.38
N GLN A 174 15.46 -31.84 27.00
CA GLN A 174 16.41 -32.58 27.84
C GLN A 174 17.38 -31.71 28.62
N TRP A 175 17.93 -30.66 27.98
CA TRP A 175 18.85 -29.73 28.64
C TRP A 175 18.20 -29.01 29.83
N VAL A 176 16.87 -28.76 29.75
CA VAL A 176 16.04 -28.14 30.78
C VAL A 176 16.01 -29.09 31.95
N TYR A 177 15.61 -30.36 31.67
CA TYR A 177 15.52 -31.41 32.66
C TYR A 177 16.86 -31.60 33.38
N ASN A 178 17.97 -31.61 32.60
CA ASN A 178 19.34 -31.72 33.10
C ASN A 178 19.65 -30.63 34.11
N ILE A 179 19.22 -29.36 33.85
CA ILE A 179 19.42 -28.26 34.79
C ILE A 179 18.61 -28.54 36.04
N LEU A 180 17.30 -28.79 35.89
CA LEU A 180 16.35 -29.02 36.97
C LEU A 180 16.74 -30.16 37.91
N ASP A 181 17.23 -31.29 37.35
CA ASP A 181 17.67 -32.43 38.17
C ASP A 181 19.19 -32.39 38.45
N LYS A 182 19.81 -31.21 38.29
CA LYS A 182 21.22 -30.89 38.56
C LYS A 182 22.25 -31.77 37.85
N LYS A 183 21.87 -32.43 36.75
CA LYS A 183 22.78 -33.27 35.95
C LYS A 183 23.71 -32.39 35.11
N ALA A 184 23.36 -31.09 34.97
CA ALA A 184 24.14 -30.10 34.23
C ALA A 184 23.95 -28.72 34.80
N GLU A 185 25.00 -27.88 34.66
CA GLU A 185 25.08 -26.45 35.02
C GLU A 185 24.86 -26.13 36.50
N ALA A 186 24.98 -27.13 37.41
CA ALA A 186 24.75 -26.95 38.85
C ALA A 186 25.50 -25.74 39.42
N ASP A 187 26.78 -25.61 39.02
CA ASP A 187 27.73 -24.55 39.36
C ASP A 187 27.28 -23.15 38.98
N ARG A 188 26.27 -23.05 38.09
CA ARG A 188 25.80 -21.77 37.56
C ARG A 188 24.47 -21.31 38.16
N ILE A 189 23.79 -22.16 38.94
CA ILE A 189 22.51 -21.77 39.57
C ILE A 189 22.69 -20.57 40.47
N VAL A 190 21.99 -19.50 40.12
CA VAL A 190 22.05 -18.26 40.89
C VAL A 190 21.12 -18.38 42.11
N PHE A 191 19.96 -19.01 41.93
CA PHE A 191 18.99 -19.19 42.99
C PHE A 191 18.06 -20.35 42.62
N GLU A 192 17.64 -21.12 43.64
CA GLU A 192 16.70 -22.22 43.47
C GLU A 192 15.64 -22.31 44.55
N ASN A 193 14.36 -22.32 44.17
CA ASN A 193 13.27 -22.59 45.08
C ASN A 193 12.96 -24.07 44.73
N PRO A 194 13.32 -25.04 45.59
CA PRO A 194 13.15 -26.44 45.19
C PRO A 194 11.72 -26.97 45.20
N ASP A 195 10.71 -26.15 45.59
CA ASP A 195 9.32 -26.62 45.66
C ASP A 195 8.94 -27.27 44.34
N PRO A 196 8.49 -28.55 44.34
CA PRO A 196 8.11 -29.18 43.07
C PRO A 196 7.02 -28.45 42.25
N SER A 197 6.05 -27.73 42.89
CA SER A 197 4.99 -27.03 42.13
C SER A 197 5.27 -25.57 41.90
N ASP A 198 5.51 -24.84 43.01
CA ASP A 198 5.73 -23.39 42.99
C ASP A 198 7.21 -22.99 42.85
N GLY A 199 8.09 -23.98 42.76
CA GLY A 199 9.52 -23.76 42.65
C GLY A 199 10.05 -23.51 41.26
N PHE A 200 11.32 -23.08 41.23
CA PHE A 200 12.08 -22.74 40.01
C PHE A 200 13.61 -22.76 40.25
N VAL A 201 14.33 -22.56 39.14
CA VAL A 201 15.78 -22.44 39.07
C VAL A 201 16.11 -21.21 38.24
N LEU A 202 16.74 -20.21 38.85
CA LEU A 202 17.22 -18.99 38.17
C LEU A 202 18.71 -19.19 37.84
N ILE A 203 18.97 -19.36 36.55
CA ILE A 203 20.29 -19.66 36.00
C ILE A 203 20.62 -18.61 34.92
N PRO A 204 21.89 -18.14 34.71
CA PRO A 204 22.13 -17.20 33.63
C PRO A 204 21.94 -17.96 32.33
N ASP A 205 21.42 -17.28 31.33
CA ASP A 205 21.12 -17.88 30.05
C ASP A 205 22.39 -18.19 29.30
N LEU A 206 22.29 -19.08 28.33
CA LEU A 206 23.42 -19.50 27.48
C LEU A 206 23.95 -18.30 26.66
N LYS A 207 23.02 -17.39 26.29
CA LYS A 207 23.25 -16.17 25.50
C LYS A 207 23.99 -15.02 26.26
N TRP A 208 24.29 -15.17 27.57
CA TRP A 208 25.01 -14.15 28.35
C TRP A 208 26.39 -14.68 28.80
N ASN A 209 27.45 -13.97 28.40
CA ASN A 209 28.85 -14.30 28.73
C ASN A 209 29.26 -13.99 30.18
N GLN A 210 28.34 -13.36 30.96
CA GLN A 210 28.50 -12.98 32.37
C GLN A 210 29.66 -12.05 32.66
N GLN A 211 30.28 -11.46 31.63
CA GLN A 211 31.43 -10.57 31.84
C GLN A 211 31.05 -9.11 32.15
N GLN A 212 29.77 -8.76 31.94
CA GLN A 212 29.24 -7.41 32.16
C GLN A 212 27.74 -7.42 32.45
N LEU A 213 27.27 -6.42 33.19
CA LEU A 213 25.85 -6.30 33.55
C LEU A 213 25.02 -5.63 32.49
N ASP A 214 25.66 -4.99 31.51
CA ASP A 214 25.02 -4.27 30.41
C ASP A 214 24.02 -5.14 29.68
N ASP A 215 24.39 -6.41 29.41
CA ASP A 215 23.57 -7.40 28.73
C ASP A 215 23.14 -8.57 29.67
N LEU A 216 22.88 -8.26 30.96
CA LEU A 216 22.43 -9.23 31.96
C LEU A 216 21.20 -9.93 31.46
N TYR A 217 21.28 -11.26 31.45
CA TYR A 217 20.23 -12.10 30.95
C TYR A 217 20.24 -13.44 31.67
N LEU A 218 19.19 -13.64 32.50
CA LEU A 218 18.96 -14.84 33.27
C LEU A 218 17.56 -15.37 32.98
N ILE A 219 17.38 -16.70 33.18
CA ILE A 219 16.11 -17.40 33.02
C ILE A 219 15.67 -18.12 34.29
N ALA A 220 14.40 -17.99 34.62
CA ALA A 220 13.80 -18.72 35.71
C ALA A 220 13.07 -19.86 35.04
N ILE A 221 13.50 -21.09 35.30
CA ILE A 221 12.88 -22.29 34.73
C ILE A 221 12.13 -22.93 35.87
N CYS A 222 10.82 -23.17 35.69
CA CYS A 222 10.01 -23.74 36.77
C CYS A 222 10.28 -25.23 36.98
N HIS A 223 10.14 -25.71 38.21
CA HIS A 223 10.38 -27.12 38.48
C HIS A 223 9.22 -27.98 37.94
N ARG A 224 8.00 -27.43 37.97
CA ARG A 224 6.82 -28.14 37.53
C ARG A 224 6.80 -28.38 36.02
N ARG A 225 6.64 -29.67 35.63
CA ARG A 225 6.54 -30.09 34.24
C ARG A 225 5.11 -29.93 33.68
N GLY A 226 4.99 -29.75 32.38
CA GLY A 226 3.69 -29.63 31.72
C GLY A 226 3.15 -28.23 31.42
N ILE A 227 3.81 -27.15 31.92
CA ILE A 227 3.35 -25.80 31.61
C ILE A 227 4.13 -25.44 30.33
N ARG A 228 3.51 -25.65 29.15
CA ARG A 228 4.20 -25.43 27.86
C ARG A 228 4.48 -23.97 27.57
N SER A 229 3.45 -23.13 27.74
CA SER A 229 3.54 -21.71 27.43
C SER A 229 2.56 -20.91 28.26
N LEU A 230 2.41 -19.64 27.89
CA LEU A 230 1.46 -18.66 28.42
C LEU A 230 0.03 -19.22 28.38
N ARG A 231 -0.29 -20.02 27.35
CA ARG A 231 -1.62 -20.59 27.11
C ARG A 231 -2.07 -21.62 28.16
N ASP A 232 -1.13 -22.17 28.92
CA ASP A 232 -1.43 -23.17 29.96
C ASP A 232 -1.68 -22.55 31.33
N LEU A 233 -1.39 -21.23 31.44
CA LEU A 233 -1.51 -20.50 32.69
C LEU A 233 -2.95 -20.22 33.13
N THR A 234 -3.23 -20.59 34.40
CA THR A 234 -4.50 -20.41 35.11
C THR A 234 -4.22 -19.86 36.52
N PRO A 235 -5.23 -19.41 37.30
CA PRO A 235 -4.95 -18.94 38.69
C PRO A 235 -4.22 -19.92 39.59
N GLU A 236 -4.18 -21.22 39.27
CA GLU A 236 -3.47 -22.20 40.10
C GLU A 236 -1.95 -21.99 40.02
N HIS A 237 -1.49 -21.32 38.94
CA HIS A 237 -0.09 -21.03 38.66
C HIS A 237 0.35 -19.69 39.27
N LEU A 238 -0.59 -18.94 39.92
CA LEU A 238 -0.28 -17.64 40.52
C LEU A 238 0.83 -17.73 41.58
N PRO A 239 0.82 -18.70 42.54
CA PRO A 239 1.93 -18.77 43.52
C PRO A 239 3.29 -19.02 42.89
N LEU A 240 3.35 -19.83 41.83
CA LEU A 240 4.57 -20.09 41.04
C LEU A 240 5.06 -18.80 40.38
N LEU A 241 4.17 -18.08 39.68
CA LEU A 241 4.51 -16.85 38.97
C LEU A 241 4.95 -15.74 39.89
N ARG A 242 4.27 -15.60 41.05
CA ARG A 242 4.61 -14.61 42.08
C ARG A 242 6.01 -14.92 42.59
N ASN A 243 6.29 -16.23 42.82
CA ASN A 243 7.61 -16.69 43.28
C ASN A 243 8.68 -16.32 42.29
N ILE A 244 8.42 -16.50 41.01
CA ILE A 244 9.41 -16.13 39.99
C ILE A 244 9.71 -14.62 40.02
N LEU A 245 8.67 -13.78 39.96
CA LEU A 245 8.73 -12.33 39.95
C LEU A 245 9.55 -11.80 41.14
N HIS A 246 9.12 -12.13 42.34
CA HIS A 246 9.77 -11.69 43.56
C HIS A 246 11.09 -12.34 43.86
N GLN A 247 11.09 -13.65 44.09
CA GLN A 247 12.30 -14.38 44.43
C GLN A 247 13.39 -14.31 43.35
N GLY A 248 13.00 -14.18 42.08
CA GLY A 248 13.94 -14.04 40.97
C GLY A 248 14.66 -12.70 40.95
N GLN A 249 13.94 -11.63 41.28
CA GLN A 249 14.50 -10.29 41.34
C GLN A 249 15.35 -10.09 42.58
N GLU A 250 14.89 -10.60 43.72
CA GLU A 250 15.67 -10.51 44.96
C GLU A 250 16.99 -11.29 44.82
N ALA A 251 17.01 -12.39 44.02
CA ALA A 251 18.22 -13.16 43.81
C ALA A 251 19.21 -12.34 42.97
N ILE A 252 18.69 -11.62 41.94
CA ILE A 252 19.51 -10.77 41.10
C ILE A 252 20.09 -9.60 41.91
N LEU A 253 19.28 -9.03 42.79
CA LEU A 253 19.74 -7.96 43.68
C LEU A 253 20.89 -8.46 44.55
N GLN A 254 20.77 -9.66 45.16
CA GLN A 254 21.85 -10.22 45.97
C GLN A 254 23.12 -10.48 45.11
N ARG A 255 22.96 -11.27 44.03
CA ARG A 255 24.07 -11.71 43.22
C ARG A 255 24.76 -10.61 42.40
N TYR A 256 23.98 -9.79 41.73
CA TYR A 256 24.52 -8.80 40.80
C TYR A 256 24.39 -7.37 41.25
N ARG A 257 23.83 -7.12 42.47
CA ARG A 257 23.60 -5.77 43.03
C ARG A 257 22.74 -4.88 42.09
N MET A 258 21.91 -5.53 41.24
CA MET A 258 21.05 -4.85 40.28
C MET A 258 19.62 -4.74 40.84
N LYS A 259 19.18 -3.48 41.10
CA LYS A 259 17.84 -3.18 41.61
C LYS A 259 16.79 -3.65 40.56
N GLY A 260 15.61 -3.99 41.04
CA GLY A 260 14.51 -4.47 40.23
C GLY A 260 14.01 -3.51 39.18
N ASP A 261 14.19 -2.20 39.38
CA ASP A 261 13.75 -1.20 38.42
C ASP A 261 14.74 -1.06 37.23
N HIS A 262 15.79 -1.87 37.23
CA HIS A 262 16.79 -1.96 36.16
C HIS A 262 16.50 -3.23 35.37
N LEU A 263 15.42 -3.95 35.74
CA LEU A 263 15.06 -5.21 35.11
C LEU A 263 13.73 -5.28 34.38
N ARG A 264 13.78 -5.90 33.20
CA ARG A 264 12.66 -6.18 32.33
C ARG A 264 12.46 -7.70 32.51
N VAL A 265 11.33 -8.10 33.18
CA VAL A 265 10.98 -9.50 33.49
C VAL A 265 9.78 -9.94 32.63
N TYR A 266 10.01 -10.85 31.67
CA TYR A 266 8.97 -11.25 30.71
C TYR A 266 8.94 -12.72 30.29
N LEU A 267 7.88 -13.07 29.57
CA LEU A 267 7.65 -14.39 28.99
C LEU A 267 7.53 -14.20 27.49
N HIS A 268 7.77 -15.25 26.74
CA HIS A 268 7.63 -15.17 25.30
C HIS A 268 6.40 -15.91 24.81
N TYR A 269 5.55 -15.26 23.99
CA TYR A 269 4.49 -16.03 23.39
C TYR A 269 4.84 -16.31 21.98
N LEU A 270 4.79 -17.60 21.83
CA LEU A 270 5.35 -18.61 21.02
C LEU A 270 6.81 -18.70 21.44
N PRO A 271 7.01 -19.43 22.56
CA PRO A 271 8.36 -19.62 23.06
C PRO A 271 9.17 -20.58 22.16
N SER A 272 10.50 -20.61 22.33
CA SER A 272 11.40 -21.48 21.57
C SER A 272 11.31 -22.89 22.11
N TYR A 273 10.92 -23.04 23.41
CA TYR A 273 10.78 -24.35 24.06
C TYR A 273 9.56 -24.37 24.93
N TYR A 274 8.88 -25.52 24.97
CA TYR A 274 7.60 -25.54 25.65
C TYR A 274 7.65 -26.14 27.06
N HIS A 275 8.35 -25.39 27.92
CA HIS A 275 8.50 -25.60 29.35
C HIS A 275 8.69 -24.21 29.86
N LEU A 276 7.65 -23.66 30.53
CA LEU A 276 7.58 -22.31 31.04
C LEU A 276 8.89 -21.80 31.59
N HIS A 277 9.31 -20.66 31.04
CA HIS A 277 10.52 -19.97 31.45
C HIS A 277 10.34 -18.47 31.37
N VAL A 278 10.83 -17.78 32.39
CA VAL A 278 10.74 -16.32 32.55
C VAL A 278 12.12 -15.67 32.34
N HIS A 279 12.16 -14.64 31.46
CA HIS A 279 13.39 -13.89 31.15
C HIS A 279 13.52 -12.72 32.06
N PHE A 280 14.76 -12.51 32.52
CA PHE A 280 15.18 -11.42 33.40
C PHE A 280 16.29 -10.76 32.64
N THR A 281 15.99 -9.61 32.02
CA THR A 281 16.96 -8.89 31.20
C THR A 281 17.17 -7.47 31.69
N ALA A 282 18.46 -7.01 31.59
CA ALA A 282 18.84 -5.63 31.88
C ALA A 282 17.97 -4.73 30.97
N LEU A 283 17.42 -3.65 31.54
CA LEU A 283 16.54 -2.69 30.87
C LEU A 283 17.23 -1.96 29.72
N GLY A 284 18.51 -1.65 29.88
CA GLY A 284 19.28 -0.97 28.86
C GLY A 284 19.60 -1.84 27.66
N PHE A 285 19.36 -3.13 27.83
CA PHE A 285 19.62 -4.14 26.82
C PHE A 285 18.41 -4.35 25.93
N GLU A 286 18.56 -4.06 24.63
CA GLU A 286 17.50 -4.29 23.64
C GLU A 286 17.59 -5.78 23.25
N ALA A 287 17.24 -6.62 24.23
CA ALA A 287 17.28 -8.07 24.16
C ALA A 287 16.40 -8.55 23.01
N PRO A 288 16.96 -9.26 22.00
CA PRO A 288 16.10 -9.78 20.94
C PRO A 288 14.99 -10.60 21.59
N GLY A 289 13.76 -10.14 21.40
CA GLY A 289 12.60 -10.77 22.02
C GLY A 289 11.91 -9.92 23.06
N SER A 290 12.49 -8.75 23.39
CA SER A 290 11.90 -7.80 24.32
C SER A 290 10.77 -7.00 23.64
N GLY A 291 10.63 -7.15 22.32
CA GLY A 291 9.62 -6.51 21.48
C GLY A 291 8.21 -6.97 21.80
N VAL A 292 7.24 -6.03 21.74
CA VAL A 292 5.82 -6.21 22.07
C VAL A 292 5.13 -7.41 21.36
N GLU A 293 5.53 -7.73 20.10
CA GLU A 293 4.94 -8.83 19.33
C GLU A 293 5.27 -10.23 19.90
N ARG A 294 6.08 -10.31 21.00
CA ARG A 294 6.47 -11.57 21.65
C ARG A 294 6.49 -11.52 23.19
N ALA A 295 7.06 -10.47 23.77
CA ALA A 295 7.20 -10.32 25.22
C ALA A 295 5.89 -9.99 25.93
N HIS A 296 5.70 -10.61 27.10
CA HIS A 296 4.56 -10.43 27.98
C HIS A 296 5.16 -10.27 29.37
N LEU A 297 5.01 -9.08 29.98
CA LEU A 297 5.54 -8.81 31.33
C LEU A 297 4.88 -9.72 32.37
N LEU A 298 5.71 -10.38 33.22
CA LEU A 298 5.23 -11.27 34.28
C LEU A 298 4.21 -10.56 35.18
N ALA A 299 4.56 -9.34 35.68
CA ALA A 299 3.67 -8.54 36.53
C ALA A 299 2.28 -8.40 35.89
N GLU A 300 2.22 -8.02 34.60
CA GLU A 300 0.97 -7.92 33.83
C GLU A 300 0.28 -9.30 33.68
N VAL A 301 1.01 -10.39 33.33
CA VAL A 301 0.47 -11.77 33.24
C VAL A 301 -0.23 -12.12 34.57
N ILE A 302 0.45 -11.83 35.69
CA ILE A 302 -0.08 -12.10 37.03
C ILE A 302 -1.38 -11.32 37.26
N GLU A 303 -1.35 -10.03 36.96
CA GLU A 303 -2.50 -9.13 37.16
C GLU A 303 -3.72 -9.51 36.36
N ASN A 304 -3.52 -9.89 35.07
CA ASN A 304 -4.59 -10.34 34.18
C ASN A 304 -5.25 -11.57 34.76
N LEU A 305 -4.45 -12.54 35.26
CA LEU A 305 -4.91 -13.79 35.85
C LEU A 305 -5.73 -13.56 37.10
N GLU A 306 -5.35 -12.52 37.90
CA GLU A 306 -6.06 -12.12 39.11
C GLU A 306 -7.40 -11.47 38.73
N CYS A 307 -7.45 -10.80 37.55
CA CYS A 307 -8.63 -10.12 37.02
C CYS A 307 -9.57 -11.08 36.30
N ASP A 308 -9.06 -11.77 35.27
CA ASP A 308 -9.77 -12.72 34.44
C ASP A 308 -9.11 -14.10 34.57
N PRO A 309 -9.68 -15.03 35.37
CA PRO A 309 -9.08 -16.38 35.49
C PRO A 309 -8.90 -17.12 34.16
N ARG A 310 -9.89 -16.98 33.25
CA ARG A 310 -9.91 -17.67 31.97
C ARG A 310 -9.15 -16.92 30.85
N HIS A 311 -8.50 -15.77 31.18
CA HIS A 311 -7.77 -14.85 30.27
C HIS A 311 -6.97 -15.51 29.16
N TYR A 312 -5.89 -16.26 29.50
CA TYR A 312 -4.98 -16.83 28.50
C TYR A 312 -5.54 -18.00 27.75
N GLN A 313 -6.73 -18.45 28.12
CA GLN A 313 -7.35 -19.56 27.39
C GLN A 313 -8.31 -19.00 26.35
N GLN A 314 -8.89 -17.81 26.64
CA GLN A 314 -9.92 -17.14 25.83
C GLN A 314 -9.43 -16.01 24.93
N ARG A 315 -8.51 -15.18 25.43
CA ARG A 315 -8.05 -13.98 24.72
C ARG A 315 -7.15 -14.25 23.48
N THR A 316 -7.19 -13.29 22.51
CA THR A 316 -6.41 -13.37 21.27
C THR A 316 -4.96 -12.92 21.48
N LEU A 317 -4.02 -13.82 21.25
CA LEU A 317 -2.60 -13.50 21.36
C LEU A 317 -1.99 -13.22 19.97
N THR A 318 -1.09 -12.24 19.93
CA THR A 318 -0.42 -11.75 18.73
C THR A 318 1.06 -12.08 18.79
N PHE A 319 1.58 -12.70 17.71
CA PHE A 319 2.98 -13.07 17.58
C PHE A 319 3.40 -13.14 16.11
N ALA A 320 4.72 -13.22 15.86
CA ALA A 320 5.25 -13.35 14.49
C ALA A 320 5.65 -14.80 14.25
N LEU A 321 5.61 -15.22 13.00
CA LEU A 321 6.00 -16.55 12.52
C LEU A 321 6.78 -16.40 11.22
N ARG A 322 7.77 -17.30 11.00
CA ARG A 322 8.56 -17.31 9.78
C ARG A 322 7.66 -17.71 8.63
N ALA A 323 7.84 -17.06 7.46
CA ALA A 323 7.02 -17.32 6.27
C ALA A 323 6.93 -18.81 5.91
N ASP A 324 8.05 -19.54 6.08
CA ASP A 324 8.19 -20.98 5.85
C ASP A 324 7.62 -21.86 6.98
N ASP A 325 7.05 -21.27 8.04
CA ASP A 325 6.50 -22.06 9.15
C ASP A 325 5.19 -22.74 8.74
N PRO A 326 5.09 -24.10 8.89
CA PRO A 326 3.82 -24.79 8.53
C PRO A 326 2.63 -24.35 9.37
N LEU A 327 2.88 -23.98 10.67
CA LEU A 327 1.87 -23.46 11.59
C LEU A 327 1.26 -22.15 11.09
N LEU A 328 2.07 -21.27 10.46
CA LEU A 328 1.58 -20.03 9.88
C LEU A 328 0.48 -20.30 8.85
N LYS A 329 0.73 -21.25 7.90
CA LYS A 329 -0.25 -21.62 6.87
C LYS A 329 -1.53 -22.18 7.51
N LEU A 330 -1.37 -23.11 8.49
CA LEU A 330 -2.48 -23.74 9.21
C LEU A 330 -3.43 -22.71 9.85
N LEU A 331 -2.86 -21.68 10.46
CA LEU A 331 -3.63 -20.60 11.06
C LEU A 331 -4.29 -19.73 9.99
N GLN A 332 -3.53 -19.35 8.93
CA GLN A 332 -4.01 -18.55 7.79
C GLN A 332 -5.23 -19.19 7.13
N GLU A 333 -5.13 -20.50 6.80
CA GLU A 333 -6.19 -21.34 6.19
C GLU A 333 -7.41 -21.44 7.11
N ALA A 334 -7.17 -21.55 8.43
CA ALA A 334 -8.23 -21.67 9.42
C ALA A 334 -9.03 -20.37 9.52
N GLN A 335 -8.34 -19.23 9.28
CA GLN A 335 -8.89 -17.88 9.41
C GLN A 335 -9.61 -17.37 8.18
N GLN A 336 -9.47 -17.99 7.00
CA GLN A 336 -10.19 -17.59 5.78
C GLN A 336 -11.24 -18.62 5.35
N VAL B 40 47.39 5.26 11.64
CA VAL B 40 48.78 4.94 11.97
C VAL B 40 49.09 5.21 13.46
N ARG B 41 48.42 6.22 14.06
CA ARG B 41 48.60 6.60 15.46
C ARG B 41 47.31 7.20 16.09
N LEU B 42 47.42 8.36 16.77
CA LEU B 42 46.34 9.06 17.47
C LEU B 42 46.38 10.58 17.16
N PRO B 43 45.22 11.30 17.02
CA PRO B 43 45.32 12.75 16.75
C PRO B 43 45.76 13.60 17.96
N PHE B 44 45.85 12.97 19.17
CA PHE B 44 46.23 13.61 20.43
C PHE B 44 47.25 12.76 21.21
N SER B 45 47.57 13.21 22.45
CA SER B 45 48.48 12.53 23.38
C SER B 45 47.74 12.25 24.69
N GLY B 46 47.60 10.96 25.03
CA GLY B 46 46.95 10.48 26.24
C GLY B 46 45.44 10.58 26.24
N PHE B 47 44.80 9.63 26.94
CA PHE B 47 43.35 9.55 27.09
C PHE B 47 42.98 9.31 28.55
N ARG B 48 42.03 10.09 29.04
CA ARG B 48 41.54 10.03 30.42
C ARG B 48 40.03 9.87 30.33
N LEU B 49 39.52 8.63 30.43
CA LEU B 49 38.07 8.40 30.37
C LEU B 49 37.36 9.12 31.52
N GLN B 50 36.37 9.95 31.17
CA GLN B 50 35.59 10.69 32.14
C GLN B 50 34.20 10.08 32.26
N LYS B 51 33.55 9.83 31.10
CA LYS B 51 32.19 9.33 31.04
C LYS B 51 31.96 8.42 29.83
N VAL B 52 31.19 7.34 30.04
CA VAL B 52 30.80 6.41 28.99
C VAL B 52 29.45 6.97 28.50
N LEU B 53 29.49 7.72 27.38
CA LEU B 53 28.33 8.41 26.78
C LEU B 53 27.17 7.46 26.43
N ARG B 54 27.48 6.39 25.69
CA ARG B 54 26.50 5.39 25.22
C ARG B 54 27.13 3.99 25.19
N GLU B 55 26.24 2.98 25.29
CA GLU B 55 26.56 1.55 25.22
C GLU B 55 25.45 0.82 24.46
N SER B 56 25.84 -0.20 23.69
CA SER B 56 24.91 -1.07 22.96
C SER B 56 25.54 -2.45 22.87
N ALA B 57 25.21 -3.29 23.88
CA ALA B 57 25.71 -4.66 24.05
C ALA B 57 25.24 -5.59 22.92
N ARG B 58 24.12 -5.22 22.25
CA ARG B 58 23.57 -5.92 21.08
C ARG B 58 24.39 -5.54 19.81
N ASP B 59 24.73 -4.24 19.67
CA ASP B 59 25.51 -3.71 18.54
C ASP B 59 27.02 -3.84 18.75
N LYS B 60 27.45 -4.28 19.95
CA LYS B 60 28.85 -4.45 20.34
C LYS B 60 29.64 -3.16 20.09
N ILE B 61 29.05 -2.02 20.50
CA ILE B 61 29.61 -0.68 20.34
C ILE B 61 29.67 0.07 21.69
N ILE B 62 30.66 0.97 21.83
CA ILE B 62 30.86 1.83 23.01
C ILE B 62 31.23 3.25 22.60
N PHE B 63 30.68 4.23 23.33
CA PHE B 63 30.90 5.66 23.13
C PHE B 63 31.55 6.20 24.39
N LEU B 64 32.80 6.69 24.26
CA LEU B 64 33.60 7.16 25.39
C LEU B 64 34.07 8.60 25.25
N HIS B 65 33.73 9.43 26.26
CA HIS B 65 34.18 10.81 26.39
C HIS B 65 35.42 10.76 27.28
N GLY B 66 36.51 11.31 26.77
CA GLY B 66 37.78 11.36 27.47
C GLY B 66 38.51 12.66 27.26
N LYS B 67 39.28 13.07 28.27
CA LYS B 67 40.07 14.31 28.28
C LYS B 67 41.47 14.03 27.71
N VAL B 68 41.91 14.88 26.75
CA VAL B 68 43.17 14.71 26.02
C VAL B 68 44.13 15.92 26.12
N ASN B 69 45.39 15.76 25.63
CA ASN B 69 46.47 16.77 25.62
C ASN B 69 46.76 17.36 26.99
N ASP B 79 39.45 17.32 25.55
CA ASP B 79 38.11 16.92 25.13
C ASP B 79 38.11 16.21 23.77
N ALA B 80 37.65 14.93 23.76
CA ALA B 80 37.58 14.05 22.58
C ALA B 80 36.60 12.89 22.83
N VAL B 81 36.09 12.28 21.74
CA VAL B 81 35.16 11.15 21.81
C VAL B 81 35.67 10.00 20.93
N VAL B 82 35.88 8.82 21.54
CA VAL B 82 36.37 7.62 20.86
C VAL B 82 35.27 6.55 20.82
N ILE B 83 34.90 6.14 19.60
CA ILE B 83 33.88 5.11 19.36
C ILE B 83 34.58 3.81 18.93
N LEU B 84 34.35 2.72 19.68
CA LEU B 84 34.90 1.40 19.38
C LEU B 84 33.77 0.46 19.02
N GLU B 85 33.91 -0.23 17.89
CA GLU B 85 32.89 -1.17 17.41
C GLU B 85 33.57 -2.47 16.98
N LYS B 86 33.02 -3.62 17.40
CA LYS B 86 33.53 -4.92 17.00
C LYS B 86 33.10 -5.11 15.54
N THR B 87 34.04 -5.54 14.68
CA THR B 87 33.79 -5.71 13.23
C THR B 87 33.02 -7.00 12.89
N PRO B 88 32.10 -7.00 11.89
CA PRO B 88 31.37 -8.24 11.55
C PRO B 88 32.26 -9.39 11.07
N PHE B 89 31.78 -10.63 11.20
CA PHE B 89 32.53 -11.82 10.80
C PHE B 89 32.61 -12.00 9.28
N GLN B 90 33.72 -12.62 8.84
CA GLN B 90 33.97 -12.91 7.44
C GLN B 90 33.89 -14.42 7.26
N VAL B 91 32.73 -14.91 6.77
CA VAL B 91 32.41 -16.33 6.50
C VAL B 91 33.64 -17.18 6.20
N GLU B 92 34.44 -16.74 5.20
CA GLU B 92 35.64 -17.38 4.71
C GLU B 92 36.67 -17.62 5.83
N GLN B 93 37.18 -16.55 6.50
CA GLN B 93 38.19 -16.60 7.58
C GLN B 93 37.76 -17.46 8.78
N VAL B 94 36.44 -17.45 9.07
CA VAL B 94 35.82 -18.20 10.16
C VAL B 94 35.77 -19.71 9.83
N ALA B 95 35.24 -20.06 8.63
CA ALA B 95 35.15 -21.44 8.11
C ALA B 95 36.52 -22.10 8.07
N GLN B 96 37.53 -21.33 7.63
CA GLN B 96 38.96 -21.64 7.54
C GLN B 96 39.53 -21.91 8.96
N LEU B 97 39.07 -21.15 9.97
CA LEU B 97 39.54 -21.29 11.35
C LEU B 97 38.99 -22.57 12.00
N LEU B 98 37.69 -22.87 11.80
CA LEU B 98 37.03 -24.06 12.36
C LEU B 98 37.53 -25.39 11.77
N THR B 99 38.03 -25.38 10.51
CA THR B 99 38.61 -26.57 9.83
C THR B 99 39.93 -27.03 10.52
N GLY B 100 40.58 -26.12 11.26
CA GLY B 100 41.83 -26.38 11.97
C GLY B 100 41.68 -26.52 13.47
N SER B 101 42.73 -26.12 14.23
CA SER B 101 42.76 -26.21 15.70
C SER B 101 42.66 -24.84 16.40
N PRO B 102 41.43 -24.39 16.76
CA PRO B 102 41.31 -23.09 17.46
C PRO B 102 41.57 -23.16 18.96
N GLU B 103 41.87 -21.99 19.58
CA GLU B 103 42.11 -21.84 21.01
C GLU B 103 40.76 -21.59 21.67
N LEU B 104 40.18 -22.66 22.29
CA LEU B 104 38.88 -22.61 22.97
C LEU B 104 38.99 -22.91 24.47
N GLN B 105 38.11 -22.28 25.27
CA GLN B 105 38.05 -22.48 26.71
C GLN B 105 36.57 -22.61 27.06
N LEU B 106 36.13 -23.83 27.44
CA LEU B 106 34.73 -24.14 27.76
C LEU B 106 34.14 -23.29 28.89
N GLN B 107 32.98 -22.66 28.64
CA GLN B 107 32.27 -21.92 29.68
C GLN B 107 31.46 -22.98 30.47
N PHE B 108 30.73 -23.88 29.74
CA PHE B 108 29.96 -25.02 30.26
C PHE B 108 29.48 -25.93 29.12
N SER B 109 28.93 -27.09 29.49
CA SER B 109 28.34 -28.05 28.58
C SER B 109 27.03 -28.56 29.16
N ASN B 110 25.97 -28.58 28.34
CA ASN B 110 24.67 -29.13 28.73
C ASN B 110 24.01 -29.85 27.53
N ASP B 111 24.00 -31.19 27.59
CA ASP B 111 23.46 -32.08 26.56
C ASP B 111 24.25 -31.90 25.24
N ILE B 112 23.56 -31.63 24.10
CA ILE B 112 24.19 -31.43 22.78
C ILE B 112 24.84 -30.06 22.70
N TYR B 113 24.39 -29.15 23.56
CA TYR B 113 24.85 -27.79 23.68
C TYR B 113 26.07 -27.68 24.55
N SER B 114 26.99 -26.78 24.13
CA SER B 114 28.25 -26.46 24.83
C SER B 114 28.77 -25.08 24.39
N THR B 115 29.17 -24.25 25.37
CA THR B 115 29.68 -22.91 25.12
C THR B 115 31.17 -22.82 25.41
N TYR B 116 31.86 -21.97 24.62
CA TYR B 116 33.31 -21.75 24.70
C TYR B 116 33.66 -20.28 24.63
N HIS B 117 34.92 -19.98 24.92
CA HIS B 117 35.54 -18.67 24.84
C HIS B 117 36.66 -18.84 23.80
N LEU B 118 36.52 -18.19 22.64
CA LEU B 118 37.47 -18.30 21.54
C LEU B 118 38.36 -17.09 21.42
N PHE B 119 39.66 -17.34 21.17
CA PHE B 119 40.66 -16.29 20.98
C PHE B 119 41.30 -16.42 19.60
N PRO B 120 40.66 -15.78 18.58
CA PRO B 120 41.16 -15.93 17.21
C PRO B 120 42.40 -15.10 16.88
N PRO B 121 43.13 -15.39 15.78
CA PRO B 121 44.30 -14.58 15.43
C PRO B 121 43.91 -13.21 14.86
N ARG B 122 44.90 -12.27 14.84
CA ARG B 122 44.84 -10.86 14.40
C ARG B 122 43.77 -10.54 13.33
N GLN B 123 43.71 -11.36 12.25
CA GLN B 123 42.83 -11.23 11.07
C GLN B 123 41.32 -11.18 11.37
N LEU B 124 40.88 -11.72 12.53
CA LEU B 124 39.50 -11.71 12.98
C LEU B 124 39.28 -10.66 14.09
N ASN B 125 40.38 -10.17 14.70
CA ASN B 125 40.39 -9.23 15.84
C ASN B 125 40.27 -7.72 15.51
N ASP B 126 39.76 -7.36 14.33
CA ASP B 126 39.59 -5.95 13.97
C ASP B 126 38.50 -5.22 14.78
N VAL B 127 38.77 -3.95 15.18
CA VAL B 127 37.84 -3.09 15.91
C VAL B 127 37.79 -1.71 15.21
N LYS B 128 36.58 -1.26 14.81
CA LYS B 128 36.34 0.04 14.15
C LYS B 128 36.53 1.17 15.19
N THR B 129 37.49 2.06 14.94
CA THR B 129 37.79 3.17 15.86
C THR B 129 37.56 4.55 15.25
N THR B 130 36.45 5.18 15.65
CA THR B 130 36.11 6.53 15.21
C THR B 130 36.56 7.53 16.30
N VAL B 131 37.38 8.51 15.93
CA VAL B 131 37.87 9.53 16.88
C VAL B 131 37.36 10.92 16.49
N VAL B 132 36.69 11.59 17.42
CA VAL B 132 36.15 12.94 17.22
C VAL B 132 36.96 13.90 18.10
N TYR B 133 37.90 14.65 17.49
CA TYR B 133 38.77 15.59 18.20
C TYR B 133 39.02 16.90 17.42
N PRO B 134 38.71 18.08 17.99
CA PRO B 134 38.14 18.34 19.32
C PRO B 134 36.61 18.20 19.40
N ALA B 135 36.13 17.95 20.63
CA ALA B 135 34.72 17.78 20.97
C ALA B 135 34.09 18.98 21.73
N THR B 136 32.80 19.28 21.43
CA THR B 136 31.96 20.31 22.08
C THR B 136 30.71 19.68 22.75
N GLU B 137 30.08 20.42 23.70
CA GLU B 137 28.93 19.98 24.52
C GLU B 137 27.69 19.51 23.72
N LYS B 138 27.38 20.11 22.55
CA LYS B 138 26.22 19.68 21.76
C LYS B 138 26.40 18.24 21.22
N HIS B 139 27.67 17.84 20.88
CA HIS B 139 28.01 16.49 20.43
C HIS B 139 27.87 15.55 21.63
N LEU B 140 28.45 15.97 22.80
CA LEU B 140 28.34 15.25 24.07
C LEU B 140 26.86 15.07 24.46
N GLN B 141 25.98 15.99 24.00
CA GLN B 141 24.53 15.97 24.24
C GLN B 141 23.80 15.03 23.27
N LYS B 142 24.25 14.94 22.01
CA LYS B 142 23.62 14.06 21.03
C LYS B 142 24.11 12.60 21.13
N TYR B 143 25.28 12.38 21.77
CA TYR B 143 25.89 11.06 21.91
C TYR B 143 25.69 10.41 23.31
N LEU B 144 25.15 11.15 24.31
CA LEU B 144 24.91 10.61 25.67
C LEU B 144 23.47 10.18 25.91
N ARG B 145 23.33 8.93 26.37
CA ARG B 145 22.06 8.30 26.70
C ARG B 145 21.86 8.26 28.22
N GLN B 146 20.63 8.61 28.65
CA GLN B 146 20.26 8.60 30.05
C GLN B 146 19.91 7.20 30.50
N ASP B 147 20.26 6.93 31.75
CA ASP B 147 20.00 5.67 32.47
C ASP B 147 18.49 5.63 32.70
N LEU B 148 17.86 4.49 32.38
CA LEU B 148 16.43 4.35 32.56
C LEU B 148 16.09 3.46 33.74
N ARG B 149 14.97 3.80 34.41
CA ARG B 149 14.42 3.03 35.52
C ARG B 149 12.98 2.72 35.17
N LEU B 150 12.52 1.55 35.54
CA LEU B 150 11.17 1.12 35.23
C LEU B 150 10.23 1.48 36.40
N ILE B 151 8.97 1.88 36.09
CA ILE B 151 7.97 2.19 37.10
C ILE B 151 6.61 1.59 36.74
N ARG B 152 5.88 1.13 37.75
CA ARG B 152 4.56 0.51 37.59
C ARG B 152 3.52 1.43 38.21
N GLU B 153 2.82 2.17 37.35
CA GLU B 153 1.82 3.17 37.71
C GLU B 153 0.40 2.59 37.81
N THR B 154 -0.16 2.59 39.02
CA THR B 154 -1.56 2.15 39.22
C THR B 154 -2.49 3.27 38.73
N GLY B 155 -3.79 2.98 38.62
CA GLY B 155 -4.82 3.95 38.23
C GLY B 155 -4.77 5.17 39.14
N ASP B 156 -4.70 4.92 40.46
CA ASP B 156 -4.59 5.96 41.46
C ASP B 156 -3.28 6.75 41.35
N ASP B 157 -2.16 6.08 41.00
CA ASP B 157 -0.87 6.78 40.82
C ASP B 157 -1.01 7.81 39.70
N TYR B 158 -1.66 7.42 38.58
CA TYR B 158 -1.87 8.34 37.47
C TYR B 158 -2.73 9.52 37.86
N ARG B 159 -3.90 9.26 38.46
CA ARG B 159 -4.85 10.28 38.88
C ARG B 159 -4.22 11.30 39.84
N ASN B 160 -3.54 10.81 40.90
CA ASN B 160 -2.93 11.63 41.95
C ASN B 160 -1.54 12.19 41.68
N ILE B 161 -0.68 11.47 40.95
CA ILE B 161 0.71 11.88 40.76
C ILE B 161 1.03 12.27 39.31
N THR B 162 0.77 11.40 38.32
CA THR B 162 1.14 11.62 36.93
C THR B 162 0.35 12.78 36.30
N LEU B 163 -0.99 12.73 36.34
CA LEU B 163 -1.88 13.75 35.77
C LEU B 163 -1.60 15.17 36.32
N PRO B 164 -1.48 15.37 37.67
CA PRO B 164 -1.17 16.72 38.19
C PRO B 164 0.20 17.21 37.75
N HIS B 165 1.21 16.31 37.64
CA HIS B 165 2.55 16.66 37.16
C HIS B 165 2.49 17.13 35.70
N LEU B 166 1.73 16.38 34.85
CA LEU B 166 1.53 16.66 33.43
C LEU B 166 0.91 18.05 33.25
N GLU B 167 -0.14 18.34 34.04
CA GLU B 167 -0.88 19.60 34.03
C GLU B 167 -0.03 20.76 34.47
N SER B 168 0.96 20.51 35.35
CA SER B 168 1.88 21.53 35.84
C SER B 168 2.80 22.07 34.75
N GLN B 169 3.36 21.18 33.93
CA GLN B 169 4.26 21.55 32.84
C GLN B 169 3.45 21.82 31.56
N SER B 170 3.22 23.09 31.29
CA SER B 170 2.43 23.57 30.17
C SER B 170 3.14 23.26 28.82
N LEU B 171 2.86 22.08 28.26
CA LEU B 171 3.46 21.53 27.03
C LEU B 171 2.60 21.85 25.79
N SER B 172 3.21 22.50 24.76
CA SER B 172 2.53 22.90 23.52
C SER B 172 2.60 21.84 22.46
N ILE B 173 1.43 21.54 21.90
CA ILE B 173 1.22 20.59 20.83
C ILE B 173 0.68 21.32 19.59
N GLN B 174 1.11 22.58 19.43
CA GLN B 174 0.75 23.44 18.30
C GLN B 174 1.14 22.82 16.97
N TRP B 175 2.30 22.16 16.89
CA TRP B 175 2.76 21.50 15.66
C TRP B 175 1.80 20.39 15.17
N VAL B 176 1.14 19.73 16.14
CA VAL B 176 0.14 18.68 15.94
C VAL B 176 -1.07 19.35 15.30
N TYR B 177 -1.56 20.44 15.92
CA TYR B 177 -2.71 21.21 15.45
C TYR B 177 -2.46 21.69 14.05
N ASN B 178 -1.24 22.19 13.77
CA ASN B 178 -0.79 22.63 12.44
C ASN B 178 -0.95 21.54 11.40
N ILE B 179 -0.60 20.26 11.73
CA ILE B 179 -0.78 19.14 10.82
C ILE B 179 -2.27 18.92 10.56
N LEU B 180 -3.04 18.79 11.66
CA LEU B 180 -4.47 18.55 11.64
C LEU B 180 -5.28 19.58 10.86
N ASP B 181 -4.98 20.88 11.03
CA ASP B 181 -5.68 21.93 10.27
C ASP B 181 -4.93 22.33 8.98
N LYS B 182 -4.05 21.43 8.48
CA LYS B 182 -3.27 21.51 7.25
C LYS B 182 -2.41 22.76 7.09
N LYS B 183 -2.08 23.45 8.19
CA LYS B 183 -1.21 24.63 8.17
C LYS B 183 0.25 24.21 7.94
N ALA B 184 0.57 22.92 8.18
CA ALA B 184 1.90 22.34 7.99
C ALA B 184 1.81 20.88 7.54
N GLU B 185 2.83 20.43 6.76
CA GLU B 185 3.04 19.05 6.28
C GLU B 185 1.90 18.44 5.43
N ALA B 186 1.06 19.32 4.79
CA ALA B 186 -0.04 18.90 3.93
C ALA B 186 0.43 17.93 2.85
N ASP B 187 1.58 18.24 2.22
CA ASP B 187 2.24 17.45 1.21
C ASP B 187 2.65 16.04 1.63
N ARG B 188 2.59 15.72 2.92
CA ARG B 188 3.00 14.43 3.44
C ARG B 188 1.83 13.53 3.82
N ILE B 189 0.59 14.04 3.84
CA ILE B 189 -0.57 13.24 4.22
C ILE B 189 -0.75 12.06 3.27
N VAL B 190 -0.63 10.85 3.82
CA VAL B 190 -0.83 9.63 3.07
C VAL B 190 -2.31 9.35 3.00
N PHE B 191 -2.98 9.50 4.14
CA PHE B 191 -4.40 9.21 4.23
C PHE B 191 -5.04 10.06 5.31
N GLU B 192 -6.28 10.50 5.05
CA GLU B 192 -7.03 11.28 6.04
C GLU B 192 -8.50 10.90 6.12
N ASN B 193 -8.98 10.58 7.33
CA ASN B 193 -10.39 10.38 7.58
C ASN B 193 -10.76 11.72 8.23
N PRO B 194 -11.48 12.62 7.54
CA PRO B 194 -11.72 13.94 8.11
C PRO B 194 -12.71 14.03 9.25
N ASP B 195 -13.39 12.92 9.63
CA ASP B 195 -14.40 12.94 10.69
C ASP B 195 -13.83 13.64 11.94
N PRO B 196 -14.48 14.73 12.43
CA PRO B 196 -13.97 15.40 13.64
C PRO B 196 -13.78 14.52 14.88
N SER B 197 -14.61 13.47 15.10
CA SER B 197 -14.48 12.60 16.27
C SER B 197 -13.69 11.32 16.02
N ASP B 198 -14.16 10.53 15.05
CA ASP B 198 -13.59 9.23 14.69
C ASP B 198 -12.51 9.31 13.61
N GLY B 199 -12.19 10.51 13.14
CA GLY B 199 -11.18 10.71 12.12
C GLY B 199 -9.74 10.81 12.60
N PHE B 200 -8.81 10.74 11.64
CA PHE B 200 -7.36 10.78 11.83
C PHE B 200 -6.62 11.23 10.55
N VAL B 201 -5.30 11.52 10.70
CA VAL B 201 -4.37 11.89 9.62
C VAL B 201 -3.18 10.96 9.72
N LEU B 202 -2.85 10.25 8.63
CA LEU B 202 -1.72 9.32 8.52
C LEU B 202 -0.57 10.02 7.82
N ILE B 203 0.54 10.21 8.52
CA ILE B 203 1.71 10.86 7.92
C ILE B 203 2.96 9.99 8.12
N PRO B 204 3.89 9.90 7.14
CA PRO B 204 5.12 9.13 7.39
C PRO B 204 5.90 9.90 8.46
N ASP B 205 6.57 9.17 9.37
CA ASP B 205 7.36 9.83 10.40
C ASP B 205 8.52 10.52 9.69
N LEU B 206 8.96 11.69 10.20
CA LEU B 206 10.04 12.45 9.55
C LEU B 206 11.38 11.71 9.43
N LYS B 207 11.75 10.83 10.39
CA LYS B 207 12.99 10.04 10.31
C LYS B 207 12.98 9.04 9.12
N TRP B 208 11.77 8.52 8.72
CA TRP B 208 11.68 7.62 7.55
C TRP B 208 11.90 8.41 6.28
N ASN B 209 12.96 8.04 5.55
CA ASN B 209 13.40 8.66 4.29
C ASN B 209 12.56 8.27 3.07
N GLN B 210 11.58 7.36 3.28
CA GLN B 210 10.63 6.86 2.27
C GLN B 210 11.29 6.18 1.06
N GLN B 211 12.61 5.94 1.09
CA GLN B 211 13.32 5.32 -0.05
C GLN B 211 13.24 3.80 -0.09
N GLN B 212 12.77 3.16 1.02
CA GLN B 212 12.63 1.71 1.16
C GLN B 212 11.56 1.32 2.16
N LEU B 213 10.96 0.16 1.97
CA LEU B 213 9.93 -0.35 2.86
C LEU B 213 10.46 -1.06 4.08
N ASP B 214 11.74 -1.44 4.07
CA ASP B 214 12.43 -2.15 5.15
C ASP B 214 12.23 -1.46 6.52
N ASP B 215 12.33 -0.11 6.54
CA ASP B 215 12.17 0.72 7.73
C ASP B 215 10.90 1.62 7.66
N LEU B 216 9.81 1.11 7.07
CA LEU B 216 8.53 1.82 6.94
C LEU B 216 8.05 2.23 8.31
N TYR B 217 7.74 3.50 8.51
CA TYR B 217 7.38 4.07 9.79
C TYR B 217 6.49 5.28 9.58
N LEU B 218 5.20 5.05 9.80
CA LEU B 218 4.16 6.06 9.67
C LEU B 218 3.46 6.29 11.02
N ILE B 219 2.88 7.49 11.21
CA ILE B 219 2.17 7.82 12.42
C ILE B 219 0.80 8.41 12.05
N ALA B 220 -0.26 7.91 12.74
CA ALA B 220 -1.64 8.39 12.63
C ALA B 220 -1.98 9.28 13.83
N ILE B 221 -2.39 10.53 13.55
CA ILE B 221 -2.76 11.51 14.57
C ILE B 221 -4.27 11.70 14.47
N CYS B 222 -5.00 11.53 15.58
CA CYS B 222 -6.47 11.67 15.55
C CYS B 222 -6.91 13.12 15.45
N HIS B 223 -8.06 13.36 14.82
CA HIS B 223 -8.56 14.73 14.66
C HIS B 223 -9.10 15.26 16.00
N ARG B 224 -9.68 14.37 16.82
CA ARG B 224 -10.27 14.73 18.08
C ARG B 224 -9.25 15.16 19.14
N ARG B 225 -9.50 16.34 19.71
CA ARG B 225 -8.68 16.94 20.76
C ARG B 225 -9.06 16.44 22.17
N GLY B 226 -8.07 16.41 23.06
CA GLY B 226 -8.26 15.99 24.44
C GLY B 226 -7.87 14.59 24.81
N ILE B 227 -7.55 13.72 23.83
CA ILE B 227 -7.11 12.35 24.19
C ILE B 227 -5.57 12.43 24.37
N ARG B 228 -5.11 12.62 25.61
CA ARG B 228 -3.67 12.79 25.89
C ARG B 228 -2.85 11.52 25.66
N SER B 229 -3.33 10.41 26.20
CA SER B 229 -2.62 9.14 26.09
C SER B 229 -3.58 7.97 26.17
N LEU B 230 -3.01 6.78 26.33
CA LEU B 230 -3.69 5.52 26.56
C LEU B 230 -4.67 5.64 27.76
N ARG B 231 -4.30 6.41 28.80
CA ARG B 231 -5.06 6.64 30.03
C ARG B 231 -6.40 7.34 29.83
N ASP B 232 -6.61 8.02 28.70
CA ASP B 232 -7.87 8.72 28.41
C ASP B 232 -8.84 7.87 27.61
N LEU B 233 -8.38 6.67 27.15
CA LEU B 233 -9.19 5.78 26.31
C LEU B 233 -10.28 5.07 27.05
N THR B 234 -11.49 5.14 26.47
CA THR B 234 -12.72 4.50 26.95
C THR B 234 -13.47 3.88 25.73
N PRO B 235 -14.53 3.05 25.93
CA PRO B 235 -15.27 2.50 24.78
C PRO B 235 -15.85 3.51 23.80
N GLU B 236 -15.94 4.81 24.18
CA GLU B 236 -16.46 5.82 23.25
C GLU B 236 -15.45 6.08 22.11
N HIS B 237 -14.16 5.76 22.35
CA HIS B 237 -13.05 5.92 21.42
C HIS B 237 -12.88 4.67 20.49
N LEU B 238 -13.69 3.62 20.69
CA LEU B 238 -13.60 2.39 19.89
C LEU B 238 -13.81 2.63 18.38
N PRO B 239 -14.82 3.41 17.93
CA PRO B 239 -14.94 3.68 16.48
C PRO B 239 -13.72 4.39 15.88
N LEU B 240 -13.09 5.31 16.64
CA LEU B 240 -11.90 5.99 16.16
C LEU B 240 -10.75 4.98 16.01
N LEU B 241 -10.47 4.22 17.09
CA LEU B 241 -9.42 3.21 17.15
C LEU B 241 -9.55 2.18 16.07
N ARG B 242 -10.80 1.72 15.82
CA ARG B 242 -11.11 0.74 14.75
C ARG B 242 -10.80 1.35 13.39
N ASN B 243 -11.09 2.64 13.16
CA ASN B 243 -10.75 3.32 11.90
C ASN B 243 -9.23 3.44 11.74
N ILE B 244 -8.49 3.78 12.79
CA ILE B 244 -7.05 3.94 12.73
C ILE B 244 -6.40 2.64 12.33
N LEU B 245 -6.78 1.54 12.98
CA LEU B 245 -6.25 0.20 12.70
C LEU B 245 -6.60 -0.27 11.28
N HIS B 246 -7.90 -0.22 10.89
CA HIS B 246 -8.34 -0.78 9.64
C HIS B 246 -8.11 0.15 8.49
N GLN B 247 -8.46 1.43 8.63
CA GLN B 247 -8.22 2.39 7.55
C GLN B 247 -6.72 2.67 7.33
N GLY B 248 -5.97 2.77 8.42
CA GLY B 248 -4.55 3.05 8.39
C GLY B 248 -3.84 1.98 7.62
N GLN B 249 -4.21 0.71 7.89
CA GLN B 249 -3.62 -0.45 7.23
C GLN B 249 -4.05 -0.56 5.78
N GLU B 250 -5.30 -0.30 5.47
CA GLU B 250 -5.77 -0.29 4.10
C GLU B 250 -5.05 0.79 3.28
N ALA B 251 -4.74 1.94 3.91
CA ALA B 251 -4.04 3.02 3.22
C ALA B 251 -2.63 2.58 2.91
N ILE B 252 -1.96 1.92 3.89
CA ILE B 252 -0.60 1.42 3.71
C ILE B 252 -0.55 0.35 2.62
N LEU B 253 -1.53 -0.53 2.58
CA LEU B 253 -1.61 -1.54 1.54
C LEU B 253 -1.71 -0.87 0.19
N GLN B 254 -2.60 0.13 -0.01
CA GLN B 254 -2.75 0.84 -1.30
C GLN B 254 -1.47 1.62 -1.65
N ARG B 255 -1.01 2.49 -0.75
CA ARG B 255 0.15 3.34 -0.97
C ARG B 255 1.49 2.59 -1.13
N TYR B 256 1.80 1.69 -0.19
CA TYR B 256 3.07 1.01 -0.16
C TYR B 256 3.06 -0.47 -0.51
N ARG B 257 1.89 -1.06 -0.81
CA ARG B 257 1.80 -2.50 -1.15
C ARG B 257 2.43 -3.35 -0.07
N MET B 258 2.13 -2.98 1.19
CA MET B 258 2.56 -3.71 2.37
C MET B 258 1.34 -4.29 3.08
N LYS B 259 1.23 -5.64 3.10
CA LYS B 259 0.13 -6.38 3.74
C LYS B 259 0.17 -6.08 5.26
N GLY B 260 -1.00 -6.14 5.88
CA GLY B 260 -1.16 -5.87 7.30
C GLY B 260 -0.41 -6.78 8.24
N ASP B 261 -0.16 -8.03 7.82
CA ASP B 261 0.60 -8.98 8.65
C ASP B 261 2.14 -8.69 8.62
N HIS B 262 2.55 -7.64 7.91
CA HIS B 262 3.94 -7.16 7.85
C HIS B 262 4.05 -5.90 8.71
N LEU B 263 2.94 -5.54 9.40
CA LEU B 263 2.87 -4.33 10.21
C LEU B 263 2.65 -4.54 11.70
N ARG B 264 3.44 -3.78 12.47
CA ARG B 264 3.39 -3.68 13.91
C ARG B 264 2.71 -2.30 14.14
N VAL B 265 1.43 -2.32 14.63
CA VAL B 265 0.60 -1.13 14.85
C VAL B 265 0.44 -0.93 16.37
N TYR B 266 1.05 0.14 16.94
CA TYR B 266 1.08 0.34 18.39
C TYR B 266 0.98 1.78 18.88
N LEU B 267 0.82 1.91 20.21
CA LEU B 267 0.77 3.17 20.94
C LEU B 267 1.89 3.11 21.94
N HIS B 268 2.35 4.27 22.40
CA HIS B 268 3.38 4.34 23.41
C HIS B 268 2.80 4.77 24.73
N TYR B 269 3.09 4.01 25.82
CA TYR B 269 2.66 4.53 27.09
C TYR B 269 3.86 5.10 27.78
N LEU B 270 3.59 6.32 28.09
CA LEU B 270 4.24 7.55 28.33
C LEU B 270 4.76 8.02 26.98
N PRO B 271 3.82 8.62 26.20
CA PRO B 271 4.18 9.11 24.86
C PRO B 271 5.03 10.38 24.98
N SER B 272 5.74 10.74 23.89
CA SER B 272 6.55 11.93 23.84
C SER B 272 5.69 13.22 23.82
N TYR B 273 4.45 13.15 23.31
CA TYR B 273 3.51 14.29 23.32
C TYR B 273 2.13 13.75 23.62
N TYR B 274 1.30 14.56 24.24
CA TYR B 274 0.01 14.13 24.78
C TYR B 274 -1.19 14.55 23.93
N HIS B 275 -1.24 13.95 22.73
CA HIS B 275 -2.30 13.97 21.74
C HIS B 275 -2.18 12.63 21.05
N LEU B 276 -3.12 11.73 21.35
CA LEU B 276 -3.17 10.37 20.86
C LEU B 276 -2.66 10.20 19.45
N HIS B 277 -1.70 9.30 19.30
CA HIS B 277 -1.07 8.95 18.05
C HIS B 277 -0.63 7.49 18.06
N VAL B 278 -0.86 6.81 16.95
CA VAL B 278 -0.52 5.42 16.76
C VAL B 278 0.58 5.29 15.72
N HIS B 279 1.51 4.36 15.98
CA HIS B 279 2.65 4.03 15.14
C HIS B 279 2.32 2.84 14.29
N PHE B 280 2.75 2.92 13.03
CA PHE B 280 2.62 1.87 12.01
C PHE B 280 4.04 1.59 11.53
N THR B 281 4.59 0.44 11.88
CA THR B 281 5.98 0.19 11.50
C THR B 281 6.11 -1.14 10.82
N ALA B 282 7.12 -1.28 9.95
CA ALA B 282 7.48 -2.55 9.33
C ALA B 282 7.92 -3.52 10.45
N LEU B 283 7.44 -4.77 10.39
CA LEU B 283 7.69 -5.82 11.35
C LEU B 283 9.18 -6.20 11.46
N GLY B 284 9.89 -6.20 10.34
CA GLY B 284 11.29 -6.56 10.32
C GLY B 284 12.17 -5.48 10.88
N PHE B 285 11.56 -4.31 11.13
CA PHE B 285 12.25 -3.13 11.66
C PHE B 285 12.18 -3.16 13.18
N GLU B 286 13.28 -3.65 13.80
CA GLU B 286 13.47 -3.73 15.25
C GLU B 286 14.34 -2.53 15.66
N ALA B 287 13.68 -1.48 16.19
CA ALA B 287 14.32 -0.25 16.65
C ALA B 287 13.53 0.22 17.87
N PRO B 288 14.17 0.25 19.12
CA PRO B 288 13.47 0.64 20.37
C PRO B 288 12.27 1.59 20.23
N GLY B 289 11.32 1.32 21.09
CA GLY B 289 9.99 1.91 21.10
C GLY B 289 9.00 0.78 20.85
N SER B 290 9.40 -0.22 20.05
CA SER B 290 8.60 -1.41 19.77
C SER B 290 8.68 -2.40 20.96
N GLY B 291 9.56 -2.13 21.94
CA GLY B 291 9.78 -2.90 23.16
C GLY B 291 8.57 -2.89 24.09
N VAL B 292 8.32 -4.02 24.75
CA VAL B 292 7.16 -4.29 25.64
C VAL B 292 6.96 -3.24 26.76
N GLU B 293 8.05 -2.66 27.29
CA GLU B 293 7.97 -1.68 28.38
C GLU B 293 7.34 -0.34 27.94
N ARG B 294 7.01 -0.18 26.66
CA ARG B 294 6.40 1.06 26.11
C ARG B 294 5.26 0.83 25.10
N ALA B 295 5.45 -0.10 24.13
CA ALA B 295 4.47 -0.39 23.09
C ALA B 295 3.26 -1.17 23.58
N HIS B 296 2.09 -0.79 23.07
CA HIS B 296 0.80 -1.40 23.35
C HIS B 296 0.14 -1.53 21.98
N LEU B 297 -0.14 -2.76 21.55
CA LEU B 297 -0.76 -3.02 20.26
C LEU B 297 -2.17 -2.50 20.19
N LEU B 298 -2.52 -1.72 19.11
CA LEU B 298 -3.88 -1.18 18.92
C LEU B 298 -4.94 -2.25 18.98
N ALA B 299 -4.78 -3.38 18.22
CA ALA B 299 -5.69 -4.53 18.25
C ALA B 299 -5.99 -4.98 19.70
N GLU B 300 -4.92 -5.16 20.55
CA GLU B 300 -5.06 -5.50 21.96
C GLU B 300 -5.75 -4.38 22.75
N VAL B 301 -5.33 -3.12 22.56
CA VAL B 301 -5.97 -1.94 23.18
C VAL B 301 -7.50 -1.94 22.92
N ILE B 302 -7.91 -2.23 21.67
CA ILE B 302 -9.32 -2.31 21.25
C ILE B 302 -10.03 -3.45 21.99
N GLU B 303 -9.41 -4.64 21.97
CA GLU B 303 -9.97 -5.83 22.62
C GLU B 303 -10.15 -5.67 24.11
N ASN B 304 -9.22 -4.96 24.78
CA ASN B 304 -9.30 -4.68 26.21
C ASN B 304 -10.51 -3.82 26.50
N LEU B 305 -10.72 -2.74 25.72
CA LEU B 305 -11.86 -1.81 25.86
C LEU B 305 -13.21 -2.47 25.55
N GLU B 306 -13.20 -3.56 24.75
CA GLU B 306 -14.39 -4.36 24.43
C GLU B 306 -14.73 -5.24 25.61
N CYS B 307 -13.71 -5.75 26.34
CA CYS B 307 -13.88 -6.58 27.52
C CYS B 307 -14.15 -5.75 28.76
N ASP B 308 -13.14 -4.99 29.20
CA ASP B 308 -13.19 -4.15 30.39
C ASP B 308 -13.27 -2.68 29.98
N PRO B 309 -14.47 -2.06 30.04
CA PRO B 309 -14.59 -0.63 29.66
C PRO B 309 -13.68 0.30 30.45
N ARG B 310 -13.57 0.06 31.77
CA ARG B 310 -12.79 0.88 32.70
C ARG B 310 -11.28 0.51 32.77
N HIS B 311 -10.83 -0.43 31.90
CA HIS B 311 -9.46 -0.97 31.80
C HIS B 311 -8.32 0.03 32.01
N TYR B 312 -8.15 1.00 31.07
CA TYR B 312 -7.02 1.94 31.11
C TYR B 312 -7.13 3.01 32.16
N GLN B 313 -8.24 3.03 32.88
CA GLN B 313 -8.37 4.00 33.96
C GLN B 313 -7.98 3.36 35.28
N GLN B 314 -8.20 2.03 35.40
CA GLN B 314 -8.00 1.22 36.61
C GLN B 314 -6.72 0.41 36.63
N ARG B 315 -6.33 -0.17 35.50
CA ARG B 315 -5.18 -1.10 35.44
C ARG B 315 -3.79 -0.43 35.58
N THR B 316 -2.81 -1.24 36.06
CA THR B 316 -1.42 -0.82 36.29
C THR B 316 -0.61 -0.86 35.02
N LEU B 317 -0.13 0.32 34.59
CA LEU B 317 0.71 0.41 33.39
C LEU B 317 2.19 0.48 33.77
N THR B 318 3.01 -0.21 32.98
CA THR B 318 4.45 -0.30 33.21
C THR B 318 5.20 0.41 32.11
N PHE B 319 6.15 1.26 32.49
CA PHE B 319 6.96 2.02 31.53
C PHE B 319 8.30 2.38 32.17
N ALA B 320 9.24 2.86 31.33
CA ALA B 320 10.53 3.31 31.79
C ALA B 320 10.56 4.83 31.84
N LEU B 321 11.39 5.38 32.75
CA LEU B 321 11.63 6.81 32.92
C LEU B 321 13.14 7.07 33.09
N ARG B 322 13.63 8.21 32.59
CA ARG B 322 15.06 8.58 32.69
C ARG B 322 15.31 8.88 34.17
N ALA B 323 16.44 8.40 34.73
CA ALA B 323 16.77 8.54 36.14
C ALA B 323 16.60 9.96 36.70
N ASP B 324 16.95 10.97 35.87
CA ASP B 324 16.86 12.39 36.17
C ASP B 324 15.43 12.98 36.03
N ASP B 325 14.43 12.14 35.69
CA ASP B 325 13.06 12.61 35.53
C ASP B 325 12.43 12.93 36.90
N PRO B 326 11.92 14.18 37.11
CA PRO B 326 11.26 14.53 38.39
C PRO B 326 10.04 13.63 38.69
N LEU B 327 9.30 13.20 37.63
CA LEU B 327 8.12 12.35 37.73
C LEU B 327 8.49 10.97 38.32
N LEU B 328 9.67 10.43 37.93
CA LEU B 328 10.15 9.16 38.46
C LEU B 328 10.23 9.22 40.03
N LYS B 329 10.87 10.28 40.59
CA LYS B 329 10.98 10.46 42.04
C LYS B 329 9.58 10.59 42.68
N LEU B 330 8.69 11.41 42.08
CA LEU B 330 7.32 11.64 42.55
C LEU B 330 6.54 10.33 42.70
N LEU B 331 6.67 9.43 41.73
CA LEU B 331 6.01 8.13 41.76
C LEU B 331 6.65 7.23 42.82
N GLN B 332 8.01 7.18 42.87
CA GLN B 332 8.81 6.41 43.82
C GLN B 332 8.40 6.74 45.27
N GLU B 333 8.38 8.05 45.60
CA GLU B 333 8.02 8.60 46.91
C GLU B 333 6.58 8.29 47.27
N ALA B 334 5.67 8.34 46.28
CA ALA B 334 4.26 8.07 46.46
C ALA B 334 4.01 6.61 46.77
N GLN B 335 4.88 5.74 46.25
CA GLN B 335 4.75 4.29 46.36
C GLN B 335 5.32 3.70 47.63
N GLN B 336 6.21 4.42 48.36
CA GLN B 336 6.79 3.94 49.63
C GLN B 336 6.26 4.67 50.85
N PRO C 39 -49.89 -4.57 -24.68
CA PRO C 39 -50.87 -3.89 -23.81
C PRO C 39 -51.37 -4.76 -22.63
N VAL C 40 -50.69 -4.60 -21.46
CA VAL C 40 -50.89 -5.25 -20.14
C VAL C 40 -50.31 -6.69 -20.14
N ARG C 41 -49.05 -6.83 -19.69
CA ARG C 41 -48.34 -8.11 -19.58
C ARG C 41 -47.58 -8.27 -18.24
N LEU C 42 -47.36 -9.53 -17.80
CA LEU C 42 -46.69 -9.87 -16.54
C LEU C 42 -45.60 -10.98 -16.70
N PRO C 43 -44.60 -11.08 -15.78
CA PRO C 43 -43.57 -12.12 -15.93
C PRO C 43 -43.86 -13.41 -15.12
N PHE C 44 -42.79 -14.16 -14.72
CA PHE C 44 -42.85 -15.40 -13.92
C PHE C 44 -43.15 -15.08 -12.42
N SER C 45 -43.09 -16.11 -11.54
CA SER C 45 -43.35 -15.96 -10.10
C SER C 45 -42.11 -15.64 -9.25
N GLY C 46 -42.15 -14.47 -8.59
CA GLY C 46 -41.16 -13.95 -7.65
C GLY C 46 -39.68 -13.96 -8.01
N PHE C 47 -39.16 -12.80 -8.45
CA PHE C 47 -37.76 -12.63 -8.82
C PHE C 47 -36.87 -12.45 -7.58
N ARG C 48 -35.77 -13.19 -7.53
CA ARG C 48 -34.79 -13.17 -6.45
C ARG C 48 -33.43 -12.96 -7.10
N LEU C 49 -32.93 -11.71 -7.12
CA LEU C 49 -31.63 -11.40 -7.73
C LEU C 49 -30.51 -12.17 -7.03
N GLN C 50 -29.69 -12.88 -7.83
CA GLN C 50 -28.57 -13.66 -7.33
C GLN C 50 -27.26 -12.94 -7.70
N LYS C 51 -27.13 -12.53 -8.99
CA LYS C 51 -25.92 -11.87 -9.48
C LYS C 51 -26.25 -10.89 -10.62
N VAL C 52 -25.51 -9.78 -10.63
CA VAL C 52 -25.61 -8.74 -11.65
C VAL C 52 -24.57 -9.16 -12.69
N LEU C 53 -25.03 -9.82 -13.77
CA LEU C 53 -24.19 -10.39 -14.85
C LEU C 53 -23.29 -9.35 -15.53
N ARG C 54 -23.89 -8.21 -15.91
CA ARG C 54 -23.23 -7.10 -16.60
C ARG C 54 -23.88 -5.77 -16.21
N GLU C 55 -23.14 -4.68 -16.33
CA GLU C 55 -23.62 -3.34 -15.98
C GLU C 55 -22.92 -2.28 -16.85
N SER C 56 -23.70 -1.30 -17.36
CA SER C 56 -23.17 -0.21 -18.16
C SER C 56 -23.76 1.14 -17.76
N ALA C 57 -22.90 1.98 -17.16
CA ALA C 57 -23.30 3.31 -16.69
C ALA C 57 -23.37 4.30 -17.85
N ARG C 58 -22.61 4.04 -18.95
CA ARG C 58 -22.59 4.86 -20.18
C ARG C 58 -23.82 4.52 -21.04
N ASP C 59 -24.12 3.21 -21.18
CA ASP C 59 -25.25 2.71 -21.97
C ASP C 59 -26.55 2.69 -21.18
N LYS C 60 -26.50 2.98 -19.85
CA LYS C 60 -27.64 3.00 -18.94
C LYS C 60 -28.40 1.66 -18.99
N ILE C 61 -27.65 0.55 -18.97
CA ILE C 61 -28.17 -0.82 -19.07
C ILE C 61 -27.68 -1.69 -17.90
N ILE C 62 -28.52 -2.69 -17.52
CA ILE C 62 -28.24 -3.66 -16.46
C ILE C 62 -28.68 -5.07 -16.86
N PHE C 63 -27.85 -6.07 -16.55
CA PHE C 63 -28.09 -7.48 -16.83
C PHE C 63 -28.17 -8.19 -15.47
N LEU C 64 -29.34 -8.77 -15.17
CA LEU C 64 -29.60 -9.43 -13.88
C LEU C 64 -30.04 -10.88 -13.99
N HIS C 65 -29.37 -11.78 -13.27
CA HIS C 65 -29.73 -13.19 -13.19
C HIS C 65 -30.65 -13.36 -11.97
N GLY C 66 -31.73 -14.13 -12.14
CA GLY C 66 -32.70 -14.35 -11.08
C GLY C 66 -33.01 -15.80 -10.76
N LYS C 67 -33.76 -16.01 -9.67
CA LYS C 67 -34.18 -17.33 -9.20
C LYS C 67 -35.62 -17.27 -8.67
N GLY C 77 -40.21 -19.48 -7.22
CA GLY C 77 -39.13 -18.90 -8.01
C GLY C 77 -38.58 -19.84 -9.07
N GLU C 78 -37.86 -19.28 -10.07
CA GLU C 78 -37.22 -20.02 -11.19
C GLU C 78 -36.14 -19.20 -11.95
N ASP C 79 -35.20 -19.91 -12.64
CA ASP C 79 -34.05 -19.36 -13.40
C ASP C 79 -34.42 -18.57 -14.68
N ALA C 80 -34.08 -17.26 -14.67
CA ALA C 80 -34.33 -16.28 -15.72
C ALA C 80 -33.35 -15.10 -15.68
N VAL C 81 -33.22 -14.38 -16.81
CA VAL C 81 -32.35 -13.21 -16.99
C VAL C 81 -33.20 -12.01 -17.46
N VAL C 82 -33.16 -10.90 -16.69
CA VAL C 82 -33.92 -9.68 -16.99
C VAL C 82 -32.96 -8.52 -17.34
N ILE C 83 -33.11 -7.96 -18.55
CA ILE C 83 -32.30 -6.85 -19.04
C ILE C 83 -33.16 -5.57 -19.03
N LEU C 84 -32.69 -4.55 -18.30
CA LEU C 84 -33.35 -3.25 -18.23
C LEU C 84 -32.48 -2.17 -18.86
N GLU C 85 -33.06 -1.39 -19.77
CA GLU C 85 -32.34 -0.34 -20.47
C GLU C 85 -33.19 0.93 -20.46
N LYS C 86 -32.56 2.08 -20.15
CA LYS C 86 -33.23 3.38 -20.17
C LYS C 86 -33.42 3.77 -21.64
N THR C 87 -34.63 4.18 -22.03
CA THR C 87 -34.97 4.48 -23.43
C THR C 87 -34.47 5.86 -23.92
N PRO C 88 -34.01 6.01 -25.20
CA PRO C 88 -33.58 7.34 -25.69
C PRO C 88 -34.68 8.41 -25.70
N PHE C 89 -34.28 9.68 -25.67
CA PHE C 89 -35.19 10.82 -25.64
C PHE C 89 -35.87 11.08 -26.99
N GLN C 90 -37.14 11.52 -26.94
CA GLN C 90 -37.92 11.92 -28.11
C GLN C 90 -38.12 13.44 -28.03
N VAL C 91 -37.34 14.16 -28.86
CA VAL C 91 -37.24 15.62 -29.01
C VAL C 91 -38.52 16.40 -28.64
N GLU C 92 -39.67 16.03 -29.24
CA GLU C 92 -40.94 16.71 -29.01
C GLU C 92 -41.38 16.65 -27.54
N GLN C 93 -41.47 15.45 -26.92
CA GLN C 93 -41.90 15.26 -25.51
C GLN C 93 -41.07 16.09 -24.53
N VAL C 94 -39.77 16.22 -24.84
CA VAL C 94 -38.75 16.91 -24.05
C VAL C 94 -38.88 18.43 -24.19
N ALA C 95 -38.95 18.93 -25.45
CA ALA C 95 -39.10 20.35 -25.78
C ALA C 95 -40.35 20.93 -25.13
N GLN C 96 -41.46 20.14 -25.17
CA GLN C 96 -42.76 20.41 -24.58
C GLN C 96 -42.63 20.49 -23.04
N LEU C 97 -41.80 19.64 -22.43
CA LEU C 97 -41.58 19.61 -20.99
C LEU C 97 -40.81 20.83 -20.49
N LEU C 98 -39.73 21.21 -21.20
CA LEU C 98 -38.88 22.35 -20.83
C LEU C 98 -39.59 23.71 -20.96
N THR C 99 -40.57 23.82 -21.90
CA THR C 99 -41.34 25.06 -22.11
C THR C 99 -42.17 25.42 -20.88
N GLY C 100 -42.56 24.40 -20.10
CA GLY C 100 -43.38 24.53 -18.90
C GLY C 100 -42.62 24.53 -17.59
N SER C 101 -43.28 24.03 -16.52
CA SER C 101 -42.74 23.97 -15.16
C SER C 101 -42.39 22.52 -14.70
N PRO C 102 -41.13 22.06 -14.93
CA PRO C 102 -40.78 20.69 -14.50
C PRO C 102 -40.42 20.57 -13.02
N GLU C 103 -40.41 19.32 -12.51
CA GLU C 103 -40.05 18.99 -11.12
C GLU C 103 -38.54 18.77 -11.06
N LEU C 104 -37.81 19.80 -10.57
CA LEU C 104 -36.36 19.79 -10.46
C LEU C 104 -35.87 19.93 -9.01
N GLN C 105 -34.73 19.29 -8.70
CA GLN C 105 -34.09 19.33 -7.39
C GLN C 105 -32.60 19.54 -7.62
N LEU C 106 -32.09 20.74 -7.31
CA LEU C 106 -30.69 21.15 -7.53
C LEU C 106 -29.66 20.24 -6.87
N GLN C 107 -28.66 19.78 -7.64
CA GLN C 107 -27.54 19.00 -7.11
C GLN C 107 -26.54 20.06 -6.58
N PHE C 108 -26.26 21.11 -7.41
CA PHE C 108 -25.41 22.28 -7.08
C PHE C 108 -25.45 23.37 -8.16
N SER C 109 -24.88 24.54 -7.82
CA SER C 109 -24.75 25.67 -8.73
C SER C 109 -23.39 26.34 -8.56
N ASN C 110 -22.69 26.53 -9.70
CA ASN C 110 -21.41 27.25 -9.75
C ASN C 110 -21.35 28.10 -11.02
N ASP C 111 -21.34 29.43 -10.79
CA ASP C 111 -21.31 30.48 -11.80
C ASP C 111 -22.54 30.34 -12.70
N ILE C 112 -22.35 30.26 -14.03
CA ILE C 112 -23.44 30.14 -15.01
C ILE C 112 -24.06 28.73 -15.01
N TYR C 113 -23.22 27.74 -14.70
CA TYR C 113 -23.54 26.31 -14.64
C TYR C 113 -24.34 25.89 -13.37
N SER C 114 -25.22 24.89 -13.56
CA SER C 114 -26.08 24.32 -12.51
C SER C 114 -26.67 22.95 -12.91
N THR C 115 -26.59 21.95 -11.99
CA THR C 115 -27.15 20.61 -12.20
C THR C 115 -28.37 20.39 -11.32
N TYR C 116 -29.28 19.55 -11.83
CA TYR C 116 -30.55 19.22 -11.19
C TYR C 116 -30.86 17.73 -11.30
N HIS C 117 -31.89 17.30 -10.56
CA HIS C 117 -32.45 15.96 -10.57
C HIS C 117 -33.87 16.14 -11.05
N LEU C 118 -34.18 15.61 -12.24
CA LEU C 118 -35.49 15.75 -12.87
C LEU C 118 -36.34 14.49 -12.77
N PHE C 119 -37.64 14.67 -12.49
CA PHE C 119 -38.61 13.59 -12.40
C PHE C 119 -39.74 13.81 -13.41
N PRO C 120 -39.54 13.33 -14.66
CA PRO C 120 -40.54 13.56 -15.73
C PRO C 120 -41.78 12.68 -15.64
N PRO C 121 -42.89 13.02 -16.36
CA PRO C 121 -44.08 12.16 -16.31
C PRO C 121 -43.91 10.89 -17.16
N ARG C 122 -44.79 9.89 -16.91
CA ARG C 122 -44.89 8.54 -17.50
C ARG C 122 -44.28 8.38 -18.93
N GLN C 123 -44.67 9.24 -19.90
CA GLN C 123 -44.22 9.19 -21.31
C GLN C 123 -42.72 9.08 -21.47
N LEU C 124 -41.98 9.86 -20.67
CA LEU C 124 -40.52 9.91 -20.72
C LEU C 124 -39.85 8.80 -19.92
N ASN C 125 -40.61 8.15 -19.01
CA ASN C 125 -40.15 7.12 -18.07
C ASN C 125 -40.11 5.68 -18.60
N ASP C 126 -40.09 5.47 -19.94
CA ASP C 126 -40.03 4.12 -20.53
C ASP C 126 -38.68 3.43 -20.30
N VAL C 127 -38.72 2.12 -19.99
CA VAL C 127 -37.55 1.27 -19.77
C VAL C 127 -37.72 -0.02 -20.59
N LYS C 128 -36.74 -0.32 -21.48
CA LYS C 128 -36.71 -1.52 -22.32
C LYS C 128 -36.45 -2.76 -21.43
N THR C 129 -37.41 -3.70 -21.40
CA THR C 129 -37.31 -4.90 -20.57
C THR C 129 -37.28 -6.20 -21.37
N THR C 130 -36.09 -6.79 -21.48
CA THR C 130 -35.90 -8.07 -22.17
C THR C 130 -35.85 -9.17 -21.12
N VAL C 131 -36.73 -10.17 -21.24
CA VAL C 131 -36.79 -11.28 -20.28
C VAL C 131 -36.45 -12.59 -21.00
N VAL C 132 -35.44 -13.32 -20.48
CA VAL C 132 -35.02 -14.62 -21.01
C VAL C 132 -35.44 -15.70 -20.00
N TYR C 133 -36.55 -16.41 -20.30
CA TYR C 133 -37.12 -17.44 -19.42
C TYR C 133 -37.68 -18.65 -20.20
N PRO C 134 -37.21 -19.89 -19.91
CA PRO C 134 -36.20 -20.26 -18.90
C PRO C 134 -34.77 -20.04 -19.39
N ALA C 135 -33.91 -19.48 -18.53
CA ALA C 135 -32.51 -19.20 -18.86
C ALA C 135 -31.64 -20.42 -18.54
N THR C 136 -30.72 -20.76 -19.45
CA THR C 136 -29.79 -21.88 -19.29
C THR C 136 -28.40 -21.37 -18.91
N GLU C 137 -27.46 -22.29 -18.66
CA GLU C 137 -26.07 -21.97 -18.32
C GLU C 137 -25.33 -21.40 -19.55
N LYS C 138 -25.73 -21.83 -20.77
CA LYS C 138 -25.22 -21.38 -22.06
C LYS C 138 -25.53 -19.88 -22.25
N HIS C 139 -26.68 -19.43 -21.70
CA HIS C 139 -27.14 -18.03 -21.73
C HIS C 139 -26.49 -17.29 -20.57
N LEU C 140 -26.58 -17.85 -19.35
CA LEU C 140 -26.01 -17.32 -18.11
C LEU C 140 -24.54 -16.95 -18.32
N GLN C 141 -23.71 -17.91 -18.84
CA GLN C 141 -22.28 -17.74 -19.12
C GLN C 141 -21.99 -16.78 -20.29
N LYS C 142 -22.94 -16.65 -21.25
CA LYS C 142 -22.74 -15.75 -22.38
C LYS C 142 -22.95 -14.28 -22.01
N TYR C 143 -23.87 -13.99 -21.05
CA TYR C 143 -24.14 -12.62 -20.57
C TYR C 143 -23.18 -12.18 -19.45
N LEU C 144 -22.57 -13.17 -18.73
CA LEU C 144 -21.60 -13.03 -17.63
C LEU C 144 -20.37 -12.23 -18.04
N ARG C 145 -20.14 -11.10 -17.35
CA ARG C 145 -18.97 -10.26 -17.61
C ARG C 145 -18.29 -9.87 -16.30
N GLN C 146 -17.07 -10.41 -16.11
CA GLN C 146 -16.22 -10.24 -14.94
C GLN C 146 -15.88 -8.77 -14.65
N ASP C 147 -15.68 -8.46 -13.36
CA ASP C 147 -15.31 -7.14 -12.85
C ASP C 147 -13.83 -6.95 -13.07
N LEU C 148 -13.43 -5.80 -13.61
CA LEU C 148 -12.05 -5.59 -13.94
C LEU C 148 -11.29 -4.86 -12.86
N ARG C 149 -10.01 -5.22 -12.71
CA ARG C 149 -9.06 -4.59 -11.79
C ARG C 149 -7.87 -4.16 -12.63
N LEU C 150 -7.31 -3.02 -12.33
CA LEU C 150 -6.18 -2.49 -13.08
C LEU C 150 -4.85 -2.94 -12.45
N ILE C 151 -3.83 -3.23 -13.28
CA ILE C 151 -2.50 -3.64 -12.82
C ILE C 151 -1.39 -2.94 -13.62
N ARG C 152 -0.29 -2.63 -12.95
CA ARG C 152 0.86 -1.95 -13.53
C ARG C 152 2.05 -2.91 -13.55
N GLU C 153 2.33 -3.48 -14.70
CA GLU C 153 3.37 -4.48 -14.90
C GLU C 153 4.71 -3.87 -15.32
N THR C 154 5.75 -4.10 -14.53
CA THR C 154 7.08 -3.65 -14.94
C THR C 154 7.65 -4.69 -15.92
N GLY C 155 8.79 -4.34 -16.53
CA GLY C 155 9.54 -5.23 -17.41
C GLY C 155 9.99 -6.46 -16.63
N ASP C 156 10.41 -6.26 -15.36
CA ASP C 156 10.74 -7.40 -14.52
C ASP C 156 9.49 -8.23 -14.19
N ASP C 157 8.32 -7.58 -13.96
CA ASP C 157 7.07 -8.31 -13.69
C ASP C 157 6.73 -9.17 -14.89
N TYR C 158 6.87 -8.62 -16.11
CA TYR C 158 6.60 -9.37 -17.34
C TYR C 158 7.53 -10.58 -17.48
N ARG C 159 8.85 -10.33 -17.37
CA ARG C 159 9.88 -11.36 -17.52
C ARG C 159 9.69 -12.50 -16.53
N ASN C 160 9.51 -12.19 -15.23
CA ASN C 160 9.37 -13.16 -14.13
C ASN C 160 7.98 -13.75 -13.88
N ILE C 161 6.90 -12.99 -14.10
CA ILE C 161 5.55 -13.44 -13.77
C ILE C 161 4.66 -13.66 -15.00
N THR C 162 4.51 -12.63 -15.88
CA THR C 162 3.60 -12.70 -17.02
C THR C 162 4.03 -13.74 -18.05
N LEU C 163 5.29 -13.62 -18.56
CA LEU C 163 5.85 -14.52 -19.58
C LEU C 163 5.79 -16.01 -19.14
N PRO C 164 6.23 -16.39 -17.90
CA PRO C 164 6.13 -17.79 -17.49
C PRO C 164 4.69 -18.29 -17.40
N HIS C 165 3.74 -17.43 -16.99
CA HIS C 165 2.32 -17.77 -16.93
C HIS C 165 1.77 -18.03 -18.34
N LEU C 166 2.15 -17.15 -19.31
CA LEU C 166 1.77 -17.24 -20.71
C LEU C 166 2.24 -18.57 -21.30
N GLU C 167 3.50 -18.92 -21.04
CA GLU C 167 4.15 -20.13 -21.51
C GLU C 167 3.51 -21.41 -20.93
N SER C 168 2.92 -21.30 -19.72
CA SER C 168 2.21 -22.39 -19.05
C SER C 168 0.92 -22.76 -19.78
N GLN C 169 0.11 -21.75 -20.19
CA GLN C 169 -1.17 -21.96 -20.87
C GLN C 169 -0.93 -22.40 -22.31
N SER C 170 -1.62 -23.43 -22.76
CA SER C 170 -1.44 -23.89 -24.14
C SER C 170 -2.47 -23.18 -25.03
N LEU C 171 -2.03 -22.08 -25.66
CA LEU C 171 -2.89 -21.23 -26.50
C LEU C 171 -2.76 -21.51 -27.99
N SER C 172 -3.87 -21.92 -28.64
CA SER C 172 -3.84 -22.17 -30.08
C SER C 172 -4.26 -20.96 -30.83
N ILE C 173 -3.40 -20.58 -31.79
CA ILE C 173 -3.63 -19.47 -32.70
C ILE C 173 -3.69 -20.01 -34.13
N GLN C 174 -4.22 -21.23 -34.26
CA GLN C 174 -4.39 -21.93 -35.53
C GLN C 174 -5.25 -21.14 -36.50
N TRP C 175 -6.32 -20.47 -35.98
CA TRP C 175 -7.21 -19.65 -36.81
C TRP C 175 -6.49 -18.48 -37.50
N VAL C 176 -5.45 -17.95 -36.81
CA VAL C 176 -4.58 -16.86 -37.27
C VAL C 176 -3.77 -17.42 -38.46
N TYR C 177 -3.11 -18.58 -38.23
CA TYR C 177 -2.30 -19.27 -39.22
C TYR C 177 -3.14 -19.55 -40.46
N ASN C 178 -4.39 -20.02 -40.27
CA ASN C 178 -5.37 -20.28 -41.33
C ASN C 178 -5.61 -19.06 -42.19
N ILE C 179 -5.72 -17.86 -41.58
CA ILE C 179 -5.88 -16.60 -42.33
C ILE C 179 -4.60 -16.34 -43.15
N LEU C 180 -3.45 -16.36 -42.46
CA LEU C 180 -2.14 -16.10 -43.04
C LEU C 180 -1.77 -16.99 -44.21
N ASP C 181 -2.04 -18.32 -44.10
CA ASP C 181 -1.77 -19.25 -45.21
C ASP C 181 -3.02 -19.46 -46.12
N LYS C 182 -3.96 -18.52 -46.08
CA LYS C 182 -5.19 -18.43 -46.88
C LYS C 182 -6.11 -19.66 -46.82
N LYS C 183 -5.99 -20.49 -45.79
CA LYS C 183 -6.84 -21.66 -45.60
C LYS C 183 -8.24 -21.24 -45.13
N ALA C 184 -8.38 -20.00 -44.67
CA ALA C 184 -9.64 -19.42 -44.21
C ALA C 184 -9.66 -17.91 -44.45
N GLU C 185 -10.86 -17.36 -44.68
CA GLU C 185 -11.19 -15.94 -44.85
C GLU C 185 -10.47 -15.21 -46.01
N ALA C 186 -10.01 -15.98 -47.03
CA ALA C 186 -9.35 -15.46 -48.23
C ALA C 186 -10.17 -14.36 -48.91
N ASP C 187 -11.48 -14.59 -49.04
CA ASP C 187 -12.48 -13.69 -49.59
C ASP C 187 -12.64 -12.35 -48.85
N ARG C 188 -12.03 -12.20 -47.69
CA ARG C 188 -12.15 -11.00 -46.90
C ARG C 188 -10.86 -10.14 -46.91
N ILE C 189 -9.74 -10.65 -47.48
CA ILE C 189 -8.50 -9.91 -47.49
C ILE C 189 -8.62 -8.63 -48.26
N VAL C 190 -8.46 -7.50 -47.57
CA VAL C 190 -8.52 -6.17 -48.18
C VAL C 190 -7.20 -5.90 -48.86
N PHE C 191 -6.12 -6.16 -48.12
CA PHE C 191 -4.77 -5.89 -48.59
C PHE C 191 -3.79 -6.84 -47.91
N GLU C 192 -2.78 -7.27 -48.67
CA GLU C 192 -1.73 -8.15 -48.18
C GLU C 192 -0.33 -7.75 -48.67
N ASN C 193 0.59 -7.57 -47.75
CA ASN C 193 1.99 -7.37 -48.08
C ASN C 193 2.56 -8.77 -47.80
N PRO C 194 2.89 -9.57 -48.83
CA PRO C 194 3.29 -10.96 -48.56
C PRO C 194 4.67 -11.16 -47.94
N ASP C 195 5.48 -10.08 -47.73
CA ASP C 195 6.82 -10.21 -47.17
C ASP C 195 6.79 -11.06 -45.92
N PRO C 196 7.56 -12.17 -45.86
CA PRO C 196 7.57 -13.02 -44.65
C PRO C 196 7.92 -12.31 -43.34
N SER C 197 8.79 -11.26 -43.36
CA SER C 197 9.17 -10.55 -42.12
C SER C 197 8.39 -9.28 -41.87
N ASP C 198 8.44 -8.36 -42.85
CA ASP C 198 7.81 -7.04 -42.78
C ASP C 198 6.38 -7.01 -43.32
N GLY C 199 5.87 -8.15 -43.78
CA GLY C 199 4.53 -8.27 -44.32
C GLY C 199 3.41 -8.49 -43.31
N PHE C 200 2.18 -8.43 -43.81
CA PHE C 200 0.95 -8.57 -43.03
C PHE C 200 -0.28 -8.80 -43.96
N VAL C 201 -1.44 -9.03 -43.32
CA VAL C 201 -2.75 -9.24 -43.95
C VAL C 201 -3.75 -8.34 -43.21
N LEU C 202 -4.49 -7.54 -43.95
CA LEU C 202 -5.50 -6.60 -43.45
C LEU C 202 -6.86 -7.18 -43.78
N ILE C 203 -7.61 -7.52 -42.73
CA ILE C 203 -8.94 -8.09 -42.89
C ILE C 203 -9.94 -7.30 -42.09
N PRO C 204 -11.19 -7.10 -42.58
CA PRO C 204 -12.18 -6.42 -41.74
C PRO C 204 -12.49 -7.36 -40.57
N ASP C 205 -12.77 -6.81 -39.37
CA ASP C 205 -13.18 -7.66 -38.25
C ASP C 205 -14.52 -8.33 -38.59
N LEU C 206 -14.81 -9.54 -38.07
CA LEU C 206 -16.09 -10.20 -38.39
C LEU C 206 -17.27 -9.41 -37.89
N LYS C 207 -17.06 -8.76 -36.71
CA LYS C 207 -17.89 -7.79 -35.99
C LYS C 207 -18.52 -6.81 -37.02
N TRP C 208 -17.65 -6.18 -37.85
CA TRP C 208 -18.05 -5.20 -38.88
C TRP C 208 -18.75 -5.84 -40.07
N ASN C 209 -20.01 -5.42 -40.26
CA ASN C 209 -20.93 -5.88 -41.31
C ASN C 209 -20.63 -5.28 -42.69
N GLN C 210 -19.64 -4.37 -42.76
CA GLN C 210 -19.17 -3.71 -43.99
C GLN C 210 -20.25 -2.89 -44.74
N GLN C 211 -21.45 -2.70 -44.15
CA GLN C 211 -22.54 -1.98 -44.81
C GLN C 211 -22.45 -0.46 -44.66
N GLN C 212 -21.56 0.04 -43.77
CA GLN C 212 -21.37 1.46 -43.47
C GLN C 212 -19.98 1.75 -42.93
N LEU C 213 -19.48 2.96 -43.18
CA LEU C 213 -18.15 3.35 -42.74
C LEU C 213 -18.13 3.88 -41.32
N ASP C 214 -19.30 4.19 -40.75
CA ASP C 214 -19.50 4.73 -39.40
C ASP C 214 -18.78 3.87 -38.34
N ASP C 215 -18.88 2.53 -38.49
CA ASP C 215 -18.26 1.55 -37.58
C ASP C 215 -17.13 0.72 -38.28
N LEU C 216 -16.37 1.36 -39.20
CA LEU C 216 -15.27 0.71 -39.92
C LEU C 216 -14.29 0.13 -38.89
N TYR C 217 -14.02 -1.17 -38.98
CA TYR C 217 -13.20 -1.89 -38.02
C TYR C 217 -12.45 -3.02 -38.69
N LEU C 218 -11.15 -2.76 -39.03
CA LEU C 218 -10.24 -3.71 -39.69
C LEU C 218 -9.05 -4.10 -38.78
N ILE C 219 -8.55 -5.35 -38.89
CA ILE C 219 -7.40 -5.85 -38.11
C ILE C 219 -6.26 -6.21 -39.10
N ALA C 220 -5.01 -5.79 -38.79
CA ALA C 220 -3.86 -6.16 -39.62
C ALA C 220 -3.04 -7.20 -38.86
N ILE C 221 -2.93 -8.43 -39.39
CA ILE C 221 -2.19 -9.54 -38.76
C ILE C 221 -0.86 -9.69 -39.48
N CYS C 222 0.26 -9.66 -38.75
CA CYS C 222 1.58 -9.75 -39.39
C CYS C 222 1.91 -11.17 -39.86
N HIS C 223 2.70 -11.30 -40.94
CA HIS C 223 3.04 -12.62 -41.45
C HIS C 223 4.06 -13.30 -40.54
N ARG C 224 4.95 -12.51 -39.92
CA ARG C 224 6.00 -13.01 -39.05
C ARG C 224 5.48 -13.59 -37.74
N ARG C 225 5.88 -14.83 -37.46
CA ARG C 225 5.52 -15.59 -36.26
C ARG C 225 6.46 -15.27 -35.11
N GLY C 226 5.94 -15.37 -33.88
CA GLY C 226 6.73 -15.14 -32.68
C GLY C 226 6.59 -13.79 -32.00
N ILE C 227 5.93 -12.79 -32.65
CA ILE C 227 5.72 -11.49 -31.97
C ILE C 227 4.40 -11.64 -31.20
N ARG C 228 4.47 -12.04 -29.91
CA ARG C 228 3.28 -12.28 -29.08
C ARG C 228 2.48 -11.01 -28.78
N SER C 229 3.16 -9.96 -28.35
CA SER C 229 2.52 -8.71 -27.99
C SER C 229 3.47 -7.53 -28.17
N LEU C 230 3.05 -6.37 -27.64
CA LEU C 230 3.79 -5.13 -27.54
C LEU C 230 5.17 -5.38 -26.88
N ARG C 231 5.23 -6.31 -25.89
CA ARG C 231 6.43 -6.66 -25.12
C ARG C 231 7.58 -7.28 -25.95
N ASP C 232 7.26 -7.80 -27.14
CA ASP C 232 8.27 -8.43 -28.01
C ASP C 232 8.85 -7.45 -29.03
N LEU C 233 8.29 -6.23 -29.09
CA LEU C 233 8.71 -5.21 -30.04
C LEU C 233 10.05 -4.58 -29.72
N THR C 234 10.92 -4.55 -30.74
CA THR C 234 12.25 -3.92 -30.73
C THR C 234 12.42 -3.12 -32.05
N PRO C 235 13.50 -2.27 -32.19
CA PRO C 235 13.71 -1.56 -33.47
C PRO C 235 13.84 -2.44 -34.71
N GLU C 236 14.07 -3.77 -34.57
CA GLU C 236 14.13 -4.65 -35.75
C GLU C 236 12.73 -4.78 -36.42
N HIS C 237 11.67 -4.57 -35.63
CA HIS C 237 10.27 -4.63 -36.04
C HIS C 237 9.78 -3.32 -36.68
N LEU C 238 10.58 -2.21 -36.63
CA LEU C 238 10.19 -0.90 -37.17
C LEU C 238 9.73 -0.95 -38.64
N PRO C 239 10.43 -1.64 -39.59
CA PRO C 239 9.92 -1.75 -40.97
C PRO C 239 8.55 -2.42 -41.08
N LEU C 240 8.27 -3.47 -40.26
CA LEU C 240 6.96 -4.14 -40.22
C LEU C 240 5.87 -3.20 -39.66
N LEU C 241 6.17 -2.44 -38.60
CA LEU C 241 5.23 -1.51 -37.99
C LEU C 241 4.91 -0.34 -38.90
N ARG C 242 5.93 0.18 -39.59
CA ARG C 242 5.78 1.30 -40.51
C ARG C 242 4.91 0.86 -41.68
N ASN C 243 5.10 -0.41 -42.14
CA ASN C 243 4.29 -0.94 -43.24
C ASN C 243 2.85 -1.05 -42.81
N ILE C 244 2.58 -1.64 -41.62
CA ILE C 244 1.23 -1.77 -41.08
C ILE C 244 0.55 -0.38 -41.02
N LEU C 245 1.24 0.66 -40.54
CA LEU C 245 0.65 1.99 -40.45
C LEU C 245 0.36 2.64 -41.79
N HIS C 246 1.39 2.70 -42.67
CA HIS C 246 1.32 3.46 -43.89
C HIS C 246 0.64 2.71 -44.99
N GLN C 247 1.04 1.46 -45.26
CA GLN C 247 0.40 0.61 -46.28
C GLN C 247 -1.06 0.33 -45.90
N GLY C 248 -1.28 0.03 -44.61
CA GLY C 248 -2.58 -0.25 -44.03
C GLY C 248 -3.55 0.87 -44.29
N GLN C 249 -3.14 2.12 -44.00
CA GLN C 249 -3.93 3.35 -44.20
C GLN C 249 -4.15 3.64 -45.66
N GLU C 250 -3.13 3.46 -46.50
CA GLU C 250 -3.26 3.66 -47.94
C GLU C 250 -4.26 2.68 -48.52
N ALA C 251 -4.26 1.43 -48.02
CA ALA C 251 -5.21 0.40 -48.46
C ALA C 251 -6.63 0.76 -48.10
N ILE C 252 -6.85 1.39 -46.91
CA ILE C 252 -8.16 1.83 -46.43
C ILE C 252 -8.62 3.05 -47.25
N LEU C 253 -7.71 3.97 -47.56
CA LEU C 253 -8.04 5.12 -48.39
C LEU C 253 -8.51 4.68 -49.77
N GLN C 254 -7.81 3.74 -50.42
CA GLN C 254 -8.21 3.25 -51.75
C GLN C 254 -9.55 2.47 -51.66
N ARG C 255 -9.61 1.47 -50.77
CA ARG C 255 -10.77 0.60 -50.64
C ARG C 255 -12.04 1.31 -50.14
N TYR C 256 -11.94 2.05 -49.03
CA TYR C 256 -13.07 2.67 -48.37
C TYR C 256 -13.17 4.18 -48.49
N ARG C 257 -12.25 4.84 -49.20
CA ARG C 257 -12.26 6.31 -49.39
C ARG C 257 -12.17 7.05 -48.03
N MET C 258 -11.61 6.41 -47.02
CA MET C 258 -11.48 6.96 -45.66
C MET C 258 -10.08 7.48 -45.42
N LYS C 259 -9.94 8.82 -45.25
CA LYS C 259 -8.69 9.51 -45.00
C LYS C 259 -8.13 9.03 -43.67
N GLY C 260 -6.81 9.05 -43.54
CA GLY C 260 -6.11 8.60 -42.34
C GLY C 260 -6.45 9.35 -41.07
N ASP C 261 -6.85 10.63 -41.18
CA ASP C 261 -7.21 11.45 -40.02
C ASP C 261 -8.62 11.13 -39.49
N HIS C 262 -9.28 10.13 -40.10
CA HIS C 262 -10.58 9.60 -39.69
C HIS C 262 -10.35 8.25 -39.02
N LEU C 263 -9.07 7.86 -38.86
CA LEU C 263 -8.69 6.57 -38.30
C LEU C 263 -7.89 6.61 -37.01
N ARG C 264 -8.32 5.71 -36.08
CA ARG C 264 -7.70 5.40 -34.81
C ARG C 264 -7.00 4.05 -35.06
N VAL C 265 -5.65 4.05 -35.13
CA VAL C 265 -4.81 2.87 -35.42
C VAL C 265 -4.05 2.46 -34.15
N TYR C 266 -4.41 1.32 -33.55
CA TYR C 266 -3.82 0.91 -32.25
C TYR C 266 -3.56 -0.58 -32.05
N LEU C 267 -2.86 -0.91 -30.96
CA LEU C 267 -2.55 -2.23 -30.48
C LEU C 267 -3.16 -2.34 -29.11
N HIS C 268 -3.40 -3.57 -28.67
CA HIS C 268 -3.93 -3.83 -27.36
C HIS C 268 -2.87 -4.41 -26.45
N TYR C 269 -2.67 -3.81 -25.26
CA TYR C 269 -1.77 -4.46 -24.33
C TYR C 269 -2.60 -5.16 -23.29
N LEU C 270 -2.24 -6.40 -23.29
CA LEU C 270 -2.76 -7.68 -22.98
C LEU C 270 -3.79 -7.99 -24.08
N PRO C 271 -3.26 -8.49 -25.23
CA PRO C 271 -4.15 -8.83 -26.34
C PRO C 271 -4.96 -10.09 -26.05
N SER C 272 -6.05 -10.36 -26.81
CA SER C 272 -6.82 -11.59 -26.64
C SER C 272 -6.07 -12.81 -27.22
N TYR C 273 -5.16 -12.59 -28.19
CA TYR C 273 -4.33 -13.66 -28.74
C TYR C 273 -2.90 -13.15 -28.93
N TYR C 274 -1.92 -14.04 -28.77
CA TYR C 274 -0.53 -13.63 -28.76
C TYR C 274 0.19 -13.85 -30.08
N HIS C 275 -0.26 -13.07 -31.08
CA HIS C 275 0.28 -12.94 -32.42
C HIS C 275 -0.08 -11.54 -32.81
N LEU C 276 0.92 -10.65 -32.81
CA LEU C 276 0.80 -9.24 -33.08
C LEU C 276 -0.25 -8.90 -34.13
N HIS C 277 -1.18 -8.02 -33.74
CA HIS C 277 -2.24 -7.50 -34.60
C HIS C 277 -2.58 -6.05 -34.25
N VAL C 278 -2.80 -5.22 -35.26
CA VAL C 278 -3.12 -3.80 -35.11
C VAL C 278 -4.53 -3.55 -35.62
N HIS C 279 -5.27 -2.77 -34.84
CA HIS C 279 -6.66 -2.37 -35.09
C HIS C 279 -6.67 -1.05 -35.82
N PHE C 280 -7.57 -0.95 -36.79
CA PHE C 280 -7.84 0.21 -37.63
C PHE C 280 -9.32 0.50 -37.46
N THR C 281 -9.66 1.56 -36.73
CA THR C 281 -11.09 1.85 -36.51
C THR C 281 -11.44 3.26 -36.90
N ALA C 282 -12.72 3.45 -37.30
CA ALA C 282 -13.28 4.74 -37.55
C ALA C 282 -13.23 5.54 -36.21
N LEU C 283 -12.81 6.81 -36.29
CA LEU C 283 -12.64 7.72 -35.15
C LEU C 283 -13.95 8.00 -34.41
N GLY C 284 -15.04 8.12 -35.15
CA GLY C 284 -16.35 8.41 -34.56
C GLY C 284 -16.93 7.21 -33.87
N PHE C 285 -16.29 6.05 -34.05
CA PHE C 285 -16.71 4.78 -33.46
C PHE C 285 -16.05 4.58 -32.10
N GLU C 286 -16.88 4.62 -31.04
CA GLU C 286 -16.51 4.45 -29.61
C GLU C 286 -16.27 2.93 -29.28
N ALA C 287 -15.26 2.34 -29.95
CA ALA C 287 -14.78 0.95 -29.98
C ALA C 287 -14.68 0.23 -28.61
N PRO C 288 -14.82 -1.13 -28.57
CA PRO C 288 -14.68 -1.86 -27.29
C PRO C 288 -13.21 -2.24 -27.00
N GLY C 289 -12.39 -1.24 -26.67
CA GLY C 289 -10.95 -1.43 -26.46
C GLY C 289 -10.11 -0.24 -26.92
N SER C 290 -10.79 0.85 -27.35
CA SER C 290 -10.15 2.09 -27.75
C SER C 290 -9.71 2.90 -26.52
N GLY C 291 -10.14 2.45 -25.32
CA GLY C 291 -9.81 3.03 -24.02
C GLY C 291 -8.34 2.97 -23.66
N VAL C 292 -7.84 4.01 -23.00
CA VAL C 292 -6.44 4.22 -22.61
C VAL C 292 -5.80 3.05 -21.82
N GLU C 293 -6.58 2.35 -20.99
CA GLU C 293 -6.06 1.25 -20.19
C GLU C 293 -5.68 0.02 -21.01
N ARG C 294 -5.88 0.04 -22.34
CA ARG C 294 -5.55 -1.08 -23.24
C ARG C 294 -4.92 -0.66 -24.58
N ALA C 295 -5.47 0.38 -25.24
CA ALA C 295 -5.01 0.84 -26.54
C ALA C 295 -3.68 1.61 -26.49
N HIS C 296 -2.82 1.34 -27.47
CA HIS C 296 -1.52 1.95 -27.65
C HIS C 296 -1.45 2.30 -29.13
N LEU C 297 -1.36 3.60 -29.45
CA LEU C 297 -1.31 4.06 -30.84
C LEU C 297 -0.04 3.57 -31.55
N LEU C 298 -0.18 2.96 -32.78
CA LEU C 298 0.95 2.48 -33.58
C LEU C 298 1.94 3.60 -33.84
N ALA C 299 1.47 4.80 -34.29
CA ALA C 299 2.34 5.97 -34.54
C ALA C 299 3.24 6.25 -33.30
N GLU C 300 2.63 6.31 -32.08
CA GLU C 300 3.35 6.51 -30.82
C GLU C 300 4.27 5.32 -30.51
N VAL C 301 3.77 4.06 -30.65
CA VAL C 301 4.57 2.84 -30.50
C VAL C 301 5.86 2.97 -31.35
N ILE C 302 5.74 3.33 -32.65
CA ILE C 302 6.86 3.51 -33.61
C ILE C 302 7.84 4.58 -33.10
N GLU C 303 7.30 5.76 -32.73
CA GLU C 303 8.09 6.88 -32.24
C GLU C 303 8.85 6.56 -30.98
N ASN C 304 8.24 5.77 -30.07
CA ASN C 304 8.86 5.31 -28.82
C ASN C 304 10.04 4.44 -29.13
N LEU C 305 9.91 3.53 -30.11
CA LEU C 305 10.99 2.63 -30.52
C LEU C 305 12.16 3.36 -31.16
N GLU C 306 11.85 4.45 -31.88
CA GLU C 306 12.84 5.32 -32.53
C GLU C 306 13.61 6.10 -31.46
N CYS C 307 12.96 6.44 -30.31
CA CYS C 307 13.61 7.16 -29.21
C CYS C 307 14.38 6.19 -28.31
N ASP C 308 13.65 5.32 -27.62
CA ASP C 308 14.17 4.33 -26.69
C ASP C 308 14.06 2.93 -27.30
N PRO C 309 15.16 2.37 -27.84
CA PRO C 309 15.09 0.99 -28.41
C PRO C 309 14.58 -0.07 -27.44
N ARG C 310 15.03 0.02 -26.17
CA ARG C 310 14.71 -0.95 -25.12
C ARG C 310 13.35 -0.67 -24.40
N HIS C 311 12.59 0.36 -24.86
CA HIS C 311 11.31 0.83 -24.29
C HIS C 311 10.34 -0.23 -23.78
N TYR C 312 9.79 -1.07 -24.66
CA TYR C 312 8.76 -2.04 -24.31
C TYR C 312 9.27 -3.24 -23.54
N GLN C 313 10.59 -3.33 -23.34
CA GLN C 313 11.15 -4.42 -22.55
C GLN C 313 11.35 -3.98 -21.13
N GLN C 314 11.63 -2.66 -20.93
CA GLN C 314 11.96 -2.01 -19.67
C GLN C 314 10.80 -1.26 -18.99
N ARG C 315 9.99 -0.55 -19.76
CA ARG C 315 8.92 0.32 -19.23
C ARG C 315 7.70 -0.43 -18.63
N THR C 316 7.02 0.26 -17.68
CA THR C 316 5.83 -0.24 -16.98
C THR C 316 4.56 -0.06 -17.78
N LEU C 317 3.92 -1.17 -18.14
CA LEU C 317 2.67 -1.11 -18.88
C LEU C 317 1.47 -1.30 -17.95
N THR C 318 0.40 -0.54 -18.22
CA THR C 318 -0.82 -0.52 -17.44
C THR C 318 -1.97 -1.11 -18.23
N PHE C 319 -2.69 -2.04 -17.62
CA PHE C 319 -3.84 -2.71 -18.23
C PHE C 319 -4.82 -3.21 -17.17
N ALA C 320 -6.06 -3.58 -17.59
CA ALA C 320 -7.09 -4.13 -16.73
C ALA C 320 -7.09 -5.63 -16.94
N LEU C 321 -7.34 -6.37 -15.86
CA LEU C 321 -7.49 -7.81 -15.85
C LEU C 321 -8.80 -8.09 -15.12
N ARG C 322 -9.43 -9.24 -15.42
CA ARG C 322 -10.68 -9.70 -14.80
C ARG C 322 -10.34 -10.12 -13.36
N ALA C 323 -11.27 -9.92 -12.42
CA ALA C 323 -11.04 -10.21 -11.00
C ALA C 323 -10.67 -11.67 -10.72
N ASP C 324 -11.29 -12.59 -11.48
CA ASP C 324 -11.13 -14.05 -11.38
C ASP C 324 -9.92 -14.57 -12.14
N ASP C 325 -9.15 -13.68 -12.75
CA ASP C 325 -7.99 -14.11 -13.50
C ASP C 325 -6.85 -14.55 -12.58
N PRO C 326 -6.28 -15.75 -12.84
CA PRO C 326 -5.13 -16.23 -12.03
C PRO C 326 -3.90 -15.33 -12.14
N LEU C 327 -3.66 -14.75 -13.35
CA LEU C 327 -2.53 -13.86 -13.63
C LEU C 327 -2.61 -12.58 -12.77
N LEU C 328 -3.82 -12.06 -12.55
CA LEU C 328 -4.02 -10.88 -11.71
C LEU C 328 -3.47 -11.14 -10.29
N LYS C 329 -3.81 -12.28 -9.66
CA LYS C 329 -3.33 -12.64 -8.33
C LYS C 329 -1.80 -12.80 -8.32
N LEU C 330 -1.24 -13.50 -9.33
CA LEU C 330 0.20 -13.72 -9.49
C LEU C 330 1.00 -12.42 -9.49
N LEU C 331 0.49 -11.41 -10.21
CA LEU C 331 1.10 -10.09 -10.29
C LEU C 331 0.97 -9.36 -8.95
N GLN C 332 -0.25 -9.37 -8.35
CA GLN C 332 -0.58 -8.76 -7.07
C GLN C 332 0.37 -9.24 -5.97
N GLU C 333 0.50 -10.58 -5.84
CA GLU C 333 1.35 -11.26 -4.86
C GLU C 333 2.82 -10.95 -5.06
N ALA C 334 3.25 -10.85 -6.32
CA ALA C 334 4.63 -10.57 -6.69
C ALA C 334 5.00 -9.16 -6.32
N GLN C 335 4.01 -8.25 -6.36
CA GLN C 335 4.19 -6.82 -6.11
C GLN C 335 4.17 -6.41 -4.65
N GLN C 336 3.63 -7.25 -3.74
CA GLN C 336 3.58 -6.94 -2.29
C GLN C 336 4.52 -7.80 -1.47
N ALA D 38 -36.65 20.77 -1.11
CA ALA D 38 -37.38 21.91 -1.67
C ALA D 38 -37.59 21.81 -3.21
N PRO D 39 -38.79 22.17 -3.75
CA PRO D 39 -39.00 22.05 -5.21
C PRO D 39 -38.40 23.22 -6.00
N VAL D 40 -37.15 23.03 -6.46
CA VAL D 40 -36.42 24.08 -7.18
C VAL D 40 -36.88 24.23 -8.65
N ARG D 41 -36.71 25.46 -9.18
CA ARG D 41 -37.09 25.89 -10.53
C ARG D 41 -35.85 26.21 -11.39
N LEU D 42 -36.06 26.57 -12.68
CA LEU D 42 -35.03 26.94 -13.65
C LEU D 42 -34.46 28.35 -13.44
N PRO D 43 -33.18 28.60 -13.87
CA PRO D 43 -32.58 29.92 -13.65
C PRO D 43 -33.16 31.07 -14.49
N PHE D 44 -34.10 30.76 -15.39
CA PHE D 44 -34.77 31.69 -16.30
C PHE D 44 -36.29 31.45 -16.34
N SER D 45 -36.98 32.17 -17.25
CA SER D 45 -38.41 32.06 -17.49
C SER D 45 -38.64 31.72 -18.97
N GLY D 46 -39.25 30.57 -19.23
CA GLY D 46 -39.57 30.12 -20.57
C GLY D 46 -38.42 29.60 -21.38
N PHE D 47 -38.69 28.61 -22.24
CA PHE D 47 -37.70 28.00 -23.13
C PHE D 47 -38.26 27.88 -24.53
N ARG D 48 -37.46 28.29 -25.52
CA ARG D 48 -37.80 28.27 -26.94
C ARG D 48 -36.68 27.53 -27.65
N LEU D 49 -36.86 26.22 -27.90
CA LEU D 49 -35.84 25.40 -28.57
C LEU D 49 -35.47 25.97 -29.93
N GLN D 50 -34.16 26.17 -30.14
CA GLN D 50 -33.61 26.70 -31.38
C GLN D 50 -33.09 25.59 -32.27
N LYS D 51 -32.23 24.72 -31.71
CA LYS D 51 -31.60 23.59 -32.40
C LYS D 51 -31.19 22.53 -31.40
N VAL D 52 -31.29 21.25 -31.81
CA VAL D 52 -30.88 20.10 -31.02
C VAL D 52 -29.40 19.90 -31.42
N LEU D 53 -28.47 20.47 -30.64
CA LEU D 53 -27.03 20.43 -30.90
C LEU D 53 -26.48 19.00 -31.00
N ARG D 54 -26.79 18.17 -29.99
CA ARG D 54 -26.43 16.74 -29.99
C ARG D 54 -27.64 15.90 -29.53
N GLU D 55 -27.75 14.67 -30.05
CA GLU D 55 -28.80 13.70 -29.74
C GLU D 55 -28.28 12.27 -29.86
N SER D 56 -27.80 11.70 -28.73
CA SER D 56 -27.28 10.33 -28.69
C SER D 56 -28.33 9.34 -28.18
N ALA D 57 -28.48 8.22 -28.91
CA ALA D 57 -29.39 7.13 -28.60
C ALA D 57 -28.71 6.06 -27.76
N ARG D 58 -27.36 5.91 -27.88
CA ARG D 58 -26.56 4.95 -27.11
C ARG D 58 -26.33 5.50 -25.71
N ASP D 59 -25.99 6.81 -25.61
CA ASP D 59 -25.70 7.49 -24.36
C ASP D 59 -26.98 7.97 -23.65
N LYS D 60 -28.16 7.90 -24.32
CA LYS D 60 -29.48 8.34 -23.82
C LYS D 60 -29.40 9.80 -23.32
N ILE D 61 -28.75 10.67 -24.13
CA ILE D 61 -28.53 12.07 -23.82
C ILE D 61 -29.02 12.99 -24.95
N ILE D 62 -29.40 14.24 -24.59
CA ILE D 62 -29.84 15.28 -25.52
C ILE D 62 -29.24 16.65 -25.13
N PHE D 63 -28.79 17.40 -26.14
CA PHE D 63 -28.21 18.72 -25.99
C PHE D 63 -29.13 19.66 -26.76
N LEU D 64 -29.73 20.61 -26.04
CA LEU D 64 -30.69 21.57 -26.62
C LEU D 64 -30.30 23.02 -26.38
N HIS D 65 -30.22 23.80 -27.46
CA HIS D 65 -29.99 25.22 -27.36
C HIS D 65 -31.37 25.89 -27.47
N GLY D 66 -31.60 26.87 -26.61
CA GLY D 66 -32.84 27.62 -26.61
C GLY D 66 -32.66 29.09 -26.37
N LYS D 67 -33.76 29.83 -26.52
CA LYS D 67 -33.88 31.27 -26.24
C LYS D 67 -34.77 31.44 -25.00
N VAL D 68 -34.27 32.22 -24.02
CA VAL D 68 -34.91 32.43 -22.71
C VAL D 68 -35.20 33.92 -22.39
N ASN D 69 -35.93 34.18 -21.28
CA ASN D 69 -36.35 35.49 -20.77
C ASN D 69 -37.05 36.37 -21.85
N GLU D 70 -38.33 36.06 -22.12
CA GLU D 70 -39.13 36.77 -23.15
C GLU D 70 -40.60 36.85 -22.76
N GLY D 75 -39.52 41.35 -28.39
CA GLY D 75 -38.87 40.15 -27.87
C GLY D 75 -37.52 39.88 -28.50
N ASP D 76 -36.44 39.90 -27.67
CA ASP D 76 -35.04 39.68 -28.11
C ASP D 76 -34.60 38.22 -27.92
N GLY D 77 -34.49 37.77 -26.67
CA GLY D 77 -34.10 36.42 -26.30
C GLY D 77 -32.65 36.24 -25.95
N GLU D 78 -32.40 35.66 -24.77
CA GLU D 78 -31.08 35.33 -24.21
C GLU D 78 -30.78 33.87 -24.48
N ASP D 79 -29.51 33.52 -24.61
CA ASP D 79 -29.11 32.12 -24.85
C ASP D 79 -29.08 31.27 -23.55
N ALA D 80 -29.33 29.95 -23.71
CA ALA D 80 -29.30 28.92 -22.66
C ALA D 80 -29.24 27.51 -23.26
N VAL D 81 -28.42 26.63 -22.68
CA VAL D 81 -28.24 25.26 -23.12
C VAL D 81 -28.66 24.29 -22.01
N VAL D 82 -29.62 23.40 -22.31
CA VAL D 82 -30.15 22.41 -21.36
C VAL D 82 -29.77 20.99 -21.80
N ILE D 83 -29.04 20.26 -20.94
CA ILE D 83 -28.61 18.89 -21.18
C ILE D 83 -29.43 17.95 -20.31
N LEU D 84 -30.12 17.00 -20.94
CA LEU D 84 -30.91 15.98 -20.24
C LEU D 84 -30.30 14.60 -20.49
N GLU D 85 -30.04 13.85 -19.42
CA GLU D 85 -29.44 12.53 -19.50
C GLU D 85 -30.22 11.56 -18.63
N LYS D 86 -30.51 10.35 -19.15
CA LYS D 86 -31.20 9.30 -18.39
C LYS D 86 -30.16 8.75 -17.39
N THR D 87 -30.52 8.65 -16.11
CA THR D 87 -29.63 8.22 -15.03
C THR D 87 -29.37 6.70 -15.00
N PRO D 88 -28.12 6.23 -14.68
CA PRO D 88 -27.88 4.78 -14.63
C PRO D 88 -28.69 4.05 -13.55
N PHE D 89 -28.84 2.73 -13.71
CA PHE D 89 -29.62 1.90 -12.79
C PHE D 89 -28.94 1.71 -11.43
N GLN D 90 -29.77 1.66 -10.36
CA GLN D 90 -29.33 1.42 -9.00
C GLN D 90 -29.84 0.04 -8.62
N VAL D 91 -28.93 -0.98 -8.69
CA VAL D 91 -29.15 -2.42 -8.41
C VAL D 91 -30.24 -2.65 -7.35
N GLU D 92 -30.12 -1.90 -6.25
CA GLU D 92 -30.94 -1.82 -5.05
C GLU D 92 -32.46 -1.71 -5.36
N GLN D 93 -32.87 -0.58 -5.95
CA GLN D 93 -34.25 -0.26 -6.28
C GLN D 93 -34.82 -1.16 -7.36
N VAL D 94 -33.98 -1.58 -8.33
CA VAL D 94 -34.38 -2.44 -9.45
C VAL D 94 -34.75 -3.84 -8.94
N ALA D 95 -33.86 -4.45 -8.12
CA ALA D 95 -34.06 -5.78 -7.52
C ALA D 95 -35.34 -5.80 -6.68
N GLN D 96 -35.56 -4.72 -5.92
CA GLN D 96 -36.71 -4.42 -5.06
C GLN D 96 -37.99 -4.32 -5.91
N LEU D 97 -37.90 -3.73 -7.12
CA LEU D 97 -39.03 -3.56 -8.03
C LEU D 97 -39.46 -4.90 -8.64
N LEU D 98 -38.49 -5.73 -9.10
CA LEU D 98 -38.76 -7.03 -9.73
C LEU D 98 -39.33 -8.08 -8.75
N PRO D 102 -45.86 -4.64 -10.31
CA PRO D 102 -44.97 -4.45 -11.48
C PRO D 102 -45.75 -4.35 -12.80
N GLU D 103 -45.68 -3.18 -13.50
CA GLU D 103 -46.40 -2.93 -14.76
C GLU D 103 -45.51 -2.96 -16.03
N LEU D 104 -45.79 -3.92 -16.92
CA LEU D 104 -45.10 -4.21 -18.19
C LEU D 104 -46.11 -4.29 -19.35
N GLN D 105 -45.65 -3.98 -20.57
CA GLN D 105 -46.45 -4.04 -21.79
C GLN D 105 -45.59 -4.69 -22.86
N LEU D 106 -45.93 -5.94 -23.23
CA LEU D 106 -45.18 -6.77 -24.18
C LEU D 106 -44.99 -6.14 -25.56
N GLN D 107 -43.75 -6.27 -26.06
CA GLN D 107 -43.27 -5.83 -27.35
C GLN D 107 -43.16 -7.06 -28.27
N PHE D 108 -42.14 -7.94 -28.08
CA PHE D 108 -41.95 -9.16 -28.89
C PHE D 108 -42.09 -10.49 -28.13
N SER D 109 -42.44 -11.57 -28.86
CA SER D 109 -42.64 -12.93 -28.36
C SER D 109 -41.50 -13.84 -28.83
N ASP D 111 -39.09 -16.70 -29.48
CA ASP D 111 -39.67 -17.80 -28.70
C ASP D 111 -39.51 -17.55 -27.18
N ILE D 112 -38.35 -17.93 -26.60
CA ILE D 112 -38.02 -17.79 -25.18
C ILE D 112 -37.60 -16.35 -24.84
N TYR D 113 -37.06 -15.62 -25.83
CA TYR D 113 -36.66 -14.21 -25.73
C TYR D 113 -37.94 -13.33 -25.92
N SER D 114 -38.34 -12.59 -24.86
CA SER D 114 -39.51 -11.70 -24.85
C SER D 114 -39.17 -10.27 -24.43
N THR D 115 -39.67 -9.26 -25.19
CA THR D 115 -39.41 -7.84 -24.91
C THR D 115 -40.68 -7.17 -24.33
N TYR D 116 -40.49 -6.15 -23.45
CA TYR D 116 -41.53 -5.40 -22.76
C TYR D 116 -41.22 -3.91 -22.69
N HIS D 117 -42.22 -3.13 -22.27
CA HIS D 117 -42.13 -1.71 -22.03
C HIS D 117 -42.49 -1.52 -20.55
N LEU D 118 -41.51 -1.09 -19.74
CA LEU D 118 -41.66 -0.92 -18.30
C LEU D 118 -41.82 0.55 -17.89
N PHE D 119 -42.76 0.81 -16.97
CA PHE D 119 -43.02 2.14 -16.43
C PHE D 119 -42.82 2.15 -14.92
N PRO D 120 -41.57 2.40 -14.47
CA PRO D 120 -41.27 2.37 -13.03
C PRO D 120 -41.72 3.60 -12.25
N PRO D 121 -41.81 3.53 -10.89
CA PRO D 121 -42.21 4.72 -10.13
C PRO D 121 -41.07 5.74 -10.02
N ARG D 122 -41.42 7.00 -9.63
CA ARG D 122 -40.59 8.20 -9.45
C ARG D 122 -39.10 7.93 -9.15
N GLN D 123 -38.84 7.09 -8.12
CA GLN D 123 -37.53 6.65 -7.58
C GLN D 123 -36.49 6.26 -8.68
N LEU D 124 -36.96 5.58 -9.75
CA LEU D 124 -36.14 5.10 -10.88
C LEU D 124 -36.14 6.05 -12.08
N ASN D 125 -37.09 7.01 -12.10
CA ASN D 125 -37.32 7.99 -13.18
C ASN D 125 -36.45 9.25 -13.16
N ASP D 126 -35.28 9.24 -12.49
CA ASP D 126 -34.40 10.41 -12.42
C ASP D 126 -33.73 10.73 -13.78
N VAL D 127 -33.65 12.04 -14.11
CA VAL D 127 -33.01 12.56 -15.34
C VAL D 127 -32.04 13.68 -14.94
N LYS D 128 -30.74 13.54 -15.31
CA LYS D 128 -29.67 14.51 -15.04
C LYS D 128 -29.90 15.76 -15.89
N THR D 129 -30.09 16.92 -15.24
CA THR D 129 -30.36 18.18 -15.92
C THR D 129 -29.28 19.23 -15.69
N THR D 130 -28.44 19.45 -16.70
CA THR D 130 -27.40 20.46 -16.67
C THR D 130 -27.89 21.69 -17.43
N VAL D 131 -27.90 22.86 -16.77
CA VAL D 131 -28.34 24.11 -17.38
C VAL D 131 -27.18 25.09 -17.45
N VAL D 132 -26.88 25.58 -18.65
CA VAL D 132 -25.82 26.56 -18.91
C VAL D 132 -26.49 27.90 -19.28
N TYR D 133 -26.57 28.84 -18.33
CA TYR D 133 -27.20 30.16 -18.53
C TYR D 133 -26.44 31.30 -17.80
N PRO D 134 -25.99 32.36 -18.53
CA PRO D 134 -26.10 32.59 -19.98
C PRO D 134 -25.08 31.82 -20.81
N ALA D 135 -25.53 31.21 -21.91
CA ALA D 135 -24.70 30.42 -22.80
C ALA D 135 -24.02 31.31 -23.81
N THR D 136 -22.73 31.03 -24.07
CA THR D 136 -21.91 31.79 -25.03
C THR D 136 -21.94 31.13 -26.43
N GLU D 137 -21.36 31.80 -27.43
CA GLU D 137 -21.29 31.28 -28.80
C GLU D 137 -20.27 30.13 -28.88
N LYS D 138 -19.18 30.21 -28.08
CA LYS D 138 -18.12 29.19 -27.98
C LYS D 138 -18.70 27.94 -27.32
N HIS D 139 -19.78 28.11 -26.53
CA HIS D 139 -20.52 27.04 -25.87
C HIS D 139 -21.30 26.23 -26.89
N LEU D 140 -22.12 26.92 -27.73
CA LEU D 140 -22.95 26.29 -28.76
C LEU D 140 -22.09 25.52 -29.78
N GLN D 141 -20.91 26.05 -30.13
CA GLN D 141 -19.99 25.43 -31.08
C GLN D 141 -19.35 24.15 -30.55
N LYS D 142 -19.21 24.04 -29.23
CA LYS D 142 -18.63 22.86 -28.59
C LYS D 142 -19.65 21.72 -28.60
N TYR D 143 -20.85 21.98 -28.09
CA TYR D 143 -21.93 21.00 -27.90
C TYR D 143 -22.59 20.50 -29.18
N LEU D 144 -22.36 21.18 -30.32
CA LEU D 144 -22.89 20.81 -31.64
C LEU D 144 -22.19 19.56 -32.14
N ARG D 145 -22.96 18.61 -32.68
CA ARG D 145 -22.40 17.36 -33.20
C ARG D 145 -21.78 17.57 -34.59
N GLN D 146 -20.43 17.47 -34.66
CA GLN D 146 -19.66 17.63 -35.91
C GLN D 146 -18.54 16.61 -36.07
N ASP D 147 -18.13 16.37 -37.34
CA ASP D 147 -17.12 15.40 -37.76
C ASP D 147 -15.83 15.66 -37.02
N LEU D 148 -15.21 14.62 -36.49
CA LEU D 148 -13.92 14.79 -35.86
C LEU D 148 -12.82 14.32 -36.79
N ARG D 149 -11.70 15.03 -36.74
CA ARG D 149 -10.49 14.73 -37.50
C ARG D 149 -9.36 14.63 -36.51
N LEU D 150 -8.47 13.68 -36.72
CA LEU D 150 -7.35 13.45 -35.84
C LEU D 150 -6.15 14.28 -36.33
N ILE D 151 -5.34 14.80 -35.40
CA ILE D 151 -4.15 15.58 -35.72
C ILE D 151 -2.98 15.18 -34.82
N ARG D 152 -1.78 15.15 -35.39
CA ARG D 152 -0.55 14.78 -34.68
C ARG D 152 0.35 16.01 -34.60
N GLU D 153 0.32 16.65 -33.42
CA GLU D 153 1.01 17.90 -33.11
C GLU D 153 2.43 17.65 -32.58
N THR D 154 3.42 18.12 -33.35
CA THR D 154 4.82 18.01 -32.95
C THR D 154 5.09 19.11 -31.98
N GLY D 155 6.22 18.98 -31.25
CA GLY D 155 6.69 19.97 -30.28
C GLY D 155 6.67 21.36 -30.86
N ASP D 156 7.20 21.51 -32.10
CA ASP D 156 7.25 22.75 -32.89
C ASP D 156 5.85 23.23 -33.32
N ASP D 157 4.94 22.30 -33.69
CA ASP D 157 3.54 22.65 -34.03
C ASP D 157 2.89 23.35 -32.83
N TYR D 158 3.10 22.81 -31.60
CA TYR D 158 2.55 23.41 -30.40
C TYR D 158 3.11 24.82 -30.16
N ARG D 159 4.46 24.94 -30.16
CA ARG D 159 5.14 26.20 -29.92
C ARG D 159 4.69 27.31 -30.90
N ASN D 160 4.70 27.01 -32.21
CA ASN D 160 4.39 27.95 -33.29
C ASN D 160 2.90 28.16 -33.63
N ILE D 161 2.07 27.10 -33.52
CA ILE D 161 0.67 27.18 -33.94
C ILE D 161 -0.33 27.09 -32.78
N THR D 162 -0.24 26.03 -31.95
CA THR D 162 -1.22 25.81 -30.89
C THR D 162 -1.17 26.87 -29.79
N LEU D 163 0.03 27.09 -29.18
CA LEU D 163 0.24 28.07 -28.09
C LEU D 163 -0.20 29.48 -28.50
N PRO D 164 0.20 30.03 -29.68
CA PRO D 164 -0.26 31.37 -30.06
C PRO D 164 -1.77 31.45 -30.24
N HIS D 165 -2.41 30.38 -30.74
CA HIS D 165 -3.88 30.30 -30.90
C HIS D 165 -4.57 30.35 -29.52
N LEU D 166 -4.03 29.56 -28.58
CA LEU D 166 -4.52 29.47 -27.20
C LEU D 166 -4.47 30.82 -26.51
N GLU D 167 -3.31 31.53 -26.66
CA GLU D 167 -3.04 32.84 -26.08
C GLU D 167 -3.97 33.89 -26.65
N SER D 168 -4.41 33.73 -27.91
CA SER D 168 -5.30 34.65 -28.60
C SER D 168 -6.63 34.78 -27.89
N GLN D 169 -7.17 33.67 -27.37
CA GLN D 169 -8.44 33.66 -26.66
C GLN D 169 -8.72 32.25 -26.18
N SER D 170 -9.28 32.18 -24.96
CA SER D 170 -9.73 30.95 -24.30
C SER D 170 -10.91 31.23 -23.35
N LEU D 171 -11.84 30.24 -23.29
CA LEU D 171 -13.06 30.24 -22.46
C LEU D 171 -12.76 30.51 -20.95
N SER D 172 -13.72 31.13 -20.26
CA SER D 172 -13.62 31.49 -18.85
C SER D 172 -13.48 30.25 -18.00
N ILE D 173 -12.56 30.30 -17.02
CA ILE D 173 -12.33 29.24 -16.06
C ILE D 173 -12.66 29.76 -14.66
N GLN D 174 -13.62 30.72 -14.60
CA GLN D 174 -14.08 31.34 -13.37
C GLN D 174 -14.62 30.33 -12.39
N TRP D 175 -15.36 29.31 -12.88
CA TRP D 175 -15.93 28.24 -12.04
C TRP D 175 -14.85 27.45 -11.31
N VAL D 176 -13.67 27.29 -11.94
CA VAL D 176 -12.47 26.61 -11.41
C VAL D 176 -11.98 27.44 -10.24
N TYR D 177 -11.76 28.75 -10.48
CA TYR D 177 -11.30 29.71 -9.48
C TYR D 177 -12.23 29.73 -8.28
N ASN D 178 -13.55 29.74 -8.55
CA ASN D 178 -14.61 29.70 -7.53
C ASN D 178 -14.47 28.49 -6.61
N ILE D 179 -14.15 27.31 -7.18
CA ILE D 179 -13.94 26.09 -6.40
C ILE D 179 -12.69 26.27 -5.54
N LEU D 180 -11.56 26.64 -6.18
CA LEU D 180 -10.26 26.81 -5.54
C LEU D 180 -10.26 27.81 -4.39
N ASP D 181 -10.96 28.96 -4.55
CA ASP D 181 -11.04 29.98 -3.49
C ASP D 181 -12.32 29.80 -2.63
N LYS D 182 -12.91 28.60 -2.68
CA LYS D 182 -14.10 28.17 -1.91
C LYS D 182 -15.33 29.06 -2.03
N LYS D 183 -15.44 29.87 -3.10
CA LYS D 183 -16.60 30.71 -3.34
C LYS D 183 -17.79 29.87 -3.85
N ALA D 184 -17.50 28.64 -4.30
CA ALA D 184 -18.51 27.69 -4.77
C ALA D 184 -18.09 26.26 -4.50
N GLU D 185 -19.12 25.39 -4.30
CA GLU D 185 -19.04 23.94 -4.13
C GLU D 185 -18.21 23.47 -2.92
N ALA D 186 -17.98 24.34 -1.92
CA ALA D 186 -17.18 24.03 -0.73
C ALA D 186 -17.60 22.71 -0.08
N ASP D 187 -18.93 22.54 0.07
CA ASP D 187 -19.61 21.38 0.64
C ASP D 187 -19.34 20.05 -0.09
N ARG D 188 -18.81 20.13 -1.33
CA ARG D 188 -18.56 18.96 -2.17
C ARG D 188 -17.09 18.52 -2.23
N ILE D 189 -16.16 19.32 -1.67
CA ILE D 189 -14.74 18.93 -1.64
C ILE D 189 -14.53 17.61 -0.88
N VAL D 190 -14.00 16.60 -1.59
CA VAL D 190 -13.77 15.27 -1.03
C VAL D 190 -12.41 15.26 -0.31
N PHE D 191 -11.47 16.11 -0.75
CA PHE D 191 -10.14 16.25 -0.16
C PHE D 191 -9.52 17.51 -0.70
N GLU D 192 -8.63 18.14 0.09
CA GLU D 192 -7.85 19.29 -0.32
C GLU D 192 -6.45 19.31 0.27
N ASN D 193 -5.44 19.43 -0.57
CA ASN D 193 -4.06 19.65 -0.15
C ASN D 193 -3.91 21.17 -0.38
N PRO D 194 -3.90 22.01 0.66
CA PRO D 194 -3.91 23.46 0.42
C PRO D 194 -2.62 24.07 -0.08
N ASP D 195 -1.52 23.29 -0.19
CA ASP D 195 -0.23 23.80 -0.64
C ASP D 195 -0.42 24.62 -1.92
N PRO D 196 -0.03 25.92 -1.92
CA PRO D 196 -0.18 26.73 -3.13
C PRO D 196 0.46 26.17 -4.41
N SER D 197 1.59 25.41 -4.34
CA SER D 197 2.26 24.89 -5.55
C SER D 197 1.91 23.46 -5.84
N ASP D 198 2.17 22.57 -4.84
CA ASP D 198 1.95 21.13 -4.96
C ASP D 198 0.57 20.67 -4.53
N GLY D 199 -0.29 21.62 -4.12
CA GLY D 199 -1.65 21.33 -3.69
C GLY D 199 -2.69 21.23 -4.79
N PHE D 200 -3.88 20.74 -4.38
CA PHE D 200 -5.06 20.52 -5.26
C PHE D 200 -6.37 20.40 -4.43
N VAL D 201 -7.48 20.31 -5.17
CA VAL D 201 -8.82 20.11 -4.63
C VAL D 201 -9.46 18.97 -5.43
N LEU D 202 -9.92 17.92 -4.73
CA LEU D 202 -10.65 16.78 -5.34
C LEU D 202 -12.21 16.94 -5.06
N ILE D 203 -12.98 17.21 -6.13
CA ILE D 203 -14.46 17.38 -6.10
C ILE D 203 -15.04 16.37 -7.04
N PRO D 204 -16.26 15.87 -6.78
CA PRO D 204 -16.91 15.06 -7.80
C PRO D 204 -17.24 15.98 -8.98
N ASP D 205 -17.14 15.44 -10.20
CA ASP D 205 -17.43 16.18 -11.41
C ASP D 205 -18.91 16.46 -11.48
N LEU D 206 -19.25 17.53 -12.24
CA LEU D 206 -20.59 18.02 -12.53
C LEU D 206 -21.42 16.89 -13.20
N LYS D 207 -20.74 16.08 -14.07
CA LYS D 207 -21.31 14.96 -14.82
C LYS D 207 -21.80 13.77 -13.95
N TRP D 208 -21.24 13.59 -12.72
CA TRP D 208 -21.60 12.47 -11.82
C TRP D 208 -22.70 12.85 -10.83
N ASN D 209 -23.82 12.10 -10.86
CA ASN D 209 -24.99 12.30 -10.00
C ASN D 209 -24.79 11.82 -8.55
N GLN D 210 -23.62 11.20 -8.25
CA GLN D 210 -23.21 10.68 -6.94
C GLN D 210 -24.16 9.64 -6.35
N GLN D 211 -25.12 9.12 -7.11
CA GLN D 211 -26.09 8.14 -6.59
C GLN D 211 -25.56 6.69 -6.63
N GLN D 212 -24.45 6.44 -7.34
CA GLN D 212 -23.83 5.11 -7.51
C GLN D 212 -22.36 5.20 -7.83
N LEU D 213 -21.60 4.16 -7.47
CA LEU D 213 -20.15 4.11 -7.70
C LEU D 213 -19.80 3.60 -9.08
N ASP D 214 -20.77 3.02 -9.78
CA ASP D 214 -20.62 2.45 -11.13
C ASP D 214 -20.03 3.46 -12.12
N ASP D 215 -20.49 4.72 -12.04
CA ASP D 215 -20.02 5.84 -12.87
C ASP D 215 -19.26 6.92 -12.05
N LEU D 216 -18.50 6.51 -11.01
CA LEU D 216 -17.73 7.41 -10.17
C LEU D 216 -16.80 8.26 -11.05
N TYR D 217 -16.95 9.59 -10.89
CA TYR D 217 -16.21 10.58 -11.65
C TYR D 217 -15.87 11.82 -10.84
N LEU D 218 -14.59 11.89 -10.42
CA LEU D 218 -14.05 13.01 -9.66
C LEU D 218 -12.98 13.66 -10.44
N ILE D 219 -12.96 15.00 -10.30
CA ILE D 219 -11.98 15.88 -10.91
C ILE D 219 -11.09 16.43 -9.80
N ALA D 220 -9.76 16.35 -9.97
CA ALA D 220 -8.74 16.90 -9.06
C ALA D 220 -8.21 18.12 -9.78
N ILE D 221 -8.31 19.30 -9.15
CA ILE D 221 -7.92 20.58 -9.75
C ILE D 221 -6.77 21.15 -8.93
N CYS D 222 -5.65 21.47 -9.58
CA CYS D 222 -4.48 21.96 -8.85
C CYS D 222 -4.65 23.41 -8.37
N HIS D 223 -4.03 23.76 -7.25
CA HIS D 223 -4.13 25.12 -6.70
C HIS D 223 -3.31 26.10 -7.55
N ARG D 224 -2.17 25.62 -8.08
CA ARG D 224 -1.27 26.43 -8.86
C ARG D 224 -1.84 26.86 -10.20
N ARG D 225 -1.85 28.18 -10.44
CA ARG D 225 -2.31 28.79 -11.69
C ARG D 225 -1.20 28.79 -12.76
N GLY D 226 -1.59 28.72 -14.03
CA GLY D 226 -0.63 28.74 -15.14
C GLY D 226 -0.26 27.42 -15.80
N ILE D 227 -0.67 26.26 -15.21
CA ILE D 227 -0.38 24.98 -15.87
C ILE D 227 -1.60 24.73 -16.76
N ARG D 228 -1.52 25.11 -18.04
CA ARG D 228 -2.64 25.02 -18.97
C ARG D 228 -3.01 23.58 -19.34
N SER D 229 -2.01 22.78 -19.70
CA SER D 229 -2.20 21.42 -20.13
C SER D 229 -0.97 20.57 -19.86
N LEU D 230 -0.97 19.36 -20.45
CA LEU D 230 0.09 18.38 -20.47
C LEU D 230 1.40 19.01 -20.99
N ARG D 231 1.27 19.94 -21.97
CA ARG D 231 2.40 20.61 -22.62
C ARG D 231 3.23 21.52 -21.70
N ASP D 232 2.68 21.93 -20.55
CA ASP D 232 3.36 22.80 -19.60
C ASP D 232 4.14 22.01 -18.54
N LEU D 233 3.92 20.68 -18.51
CA LEU D 233 4.54 19.78 -17.53
C LEU D 233 6.03 19.54 -17.76
N THR D 234 6.79 19.71 -16.68
CA THR D 234 8.25 19.50 -16.58
C THR D 234 8.55 18.80 -15.24
N PRO D 235 9.80 18.33 -14.99
CA PRO D 235 10.09 17.70 -13.66
C PRO D 235 9.80 18.56 -12.42
N GLU D 236 9.61 19.89 -12.56
CA GLU D 236 9.24 20.74 -11.41
C GLU D 236 7.82 20.45 -10.91
N HIS D 237 6.94 19.90 -11.80
CA HIS D 237 5.53 19.55 -11.53
C HIS D 237 5.39 18.11 -10.97
N LEU D 238 6.53 17.36 -10.83
CA LEU D 238 6.47 15.99 -10.32
C LEU D 238 5.89 15.90 -8.91
N PRO D 239 6.29 16.74 -7.92
CA PRO D 239 5.65 16.67 -6.59
C PRO D 239 4.12 16.89 -6.59
N LEU D 240 3.63 17.81 -7.41
CA LEU D 240 2.19 18.03 -7.58
C LEU D 240 1.52 16.77 -8.13
N LEU D 241 2.03 16.26 -9.24
CA LEU D 241 1.45 15.13 -9.91
C LEU D 241 1.44 13.87 -9.07
N ARG D 242 2.52 13.66 -8.30
CA ARG D 242 2.63 12.52 -7.38
C ARG D 242 1.56 12.69 -6.30
N ASN D 243 1.37 13.95 -5.83
CA ASN D 243 0.38 14.28 -4.81
C ASN D 243 -0.99 13.97 -5.33
N ILE D 244 -1.28 14.37 -6.57
CA ILE D 244 -2.57 14.07 -7.14
C ILE D 244 -2.76 12.56 -7.28
N LEU D 245 -1.78 11.84 -7.88
CA LEU D 245 -1.86 10.38 -8.04
C LEU D 245 -2.21 9.68 -6.70
N HIS D 246 -1.34 9.82 -5.70
CA HIS D 246 -1.46 9.18 -4.41
C HIS D 246 -2.56 9.74 -3.52
N GLN D 247 -2.46 11.02 -3.13
CA GLN D 247 -3.46 11.65 -2.29
C GLN D 247 -4.87 11.56 -2.90
N GLY D 248 -4.98 11.70 -4.23
CA GLY D 248 -6.26 11.61 -4.94
C GLY D 248 -6.95 10.29 -4.72
N GLN D 249 -6.21 9.18 -4.86
CA GLN D 249 -6.68 7.81 -4.73
C GLN D 249 -6.95 7.43 -3.30
N GLU D 250 -6.06 7.83 -2.38
CA GLU D 250 -6.27 7.56 -0.97
C GLU D 250 -7.54 8.28 -0.43
N ALA D 251 -7.88 9.48 -0.98
CA ALA D 251 -9.07 10.21 -0.60
C ALA D 251 -10.34 9.43 -1.08
N ILE D 252 -10.27 8.87 -2.31
CA ILE D 252 -11.37 8.09 -2.86
C ILE D 252 -11.57 6.80 -2.04
N LEU D 253 -10.45 6.17 -1.62
CA LEU D 253 -10.53 5.00 -0.79
C LEU D 253 -11.23 5.33 0.53
N GLN D 254 -10.88 6.44 1.19
CA GLN D 254 -11.55 6.84 2.43
C GLN D 254 -13.04 7.17 2.20
N ARG D 255 -13.34 8.07 1.26
CA ARG D 255 -14.70 8.54 1.03
C ARG D 255 -15.65 7.51 0.42
N TYR D 256 -15.19 6.81 -0.62
CA TYR D 256 -16.06 5.90 -1.37
C TYR D 256 -15.76 4.42 -1.17
N ARG D 257 -14.76 4.08 -0.32
CA ARG D 257 -14.32 2.69 -0.07
C ARG D 257 -13.92 1.96 -1.38
N MET D 258 -13.49 2.73 -2.41
CA MET D 258 -13.07 2.22 -3.72
C MET D 258 -11.56 2.11 -3.81
N LYS D 259 -11.04 0.85 -3.92
CA LYS D 259 -9.61 0.55 -4.05
C LYS D 259 -9.08 1.21 -5.35
N GLY D 260 -7.80 1.56 -5.35
CA GLY D 260 -7.13 2.22 -6.47
C GLY D 260 -7.10 1.43 -7.75
N ASP D 261 -7.16 0.10 -7.67
CA ASP D 261 -7.14 -0.74 -8.87
C ASP D 261 -8.53 -0.81 -9.54
N HIS D 262 -9.51 -0.06 -9.01
CA HIS D 262 -10.84 0.09 -9.58
C HIS D 262 -10.91 1.46 -10.24
N LEU D 263 -9.78 2.20 -10.25
CA LEU D 263 -9.71 3.55 -10.80
C LEU D 263 -8.78 3.77 -11.98
N ARG D 264 -9.30 4.52 -12.96
CA ARG D 264 -8.63 4.99 -14.17
C ARG D 264 -8.37 6.47 -13.87
N VAL D 265 -7.09 6.85 -13.65
CA VAL D 265 -6.64 8.22 -13.34
C VAL D 265 -5.89 8.82 -14.54
N TYR D 266 -6.49 9.82 -15.20
CA TYR D 266 -5.93 10.38 -16.43
C TYR D 266 -6.06 11.90 -16.62
N LEU D 267 -5.38 12.41 -17.64
CA LEU D 267 -5.39 13.79 -18.08
C LEU D 267 -5.90 13.77 -19.50
N HIS D 268 -6.40 14.92 -19.96
CA HIS D 268 -6.86 15.03 -21.33
C HIS D 268 -5.93 15.89 -22.15
N TYR D 269 -5.48 15.37 -23.32
CA TYR D 269 -4.72 16.26 -24.17
C TYR D 269 -5.61 16.73 -25.28
N LEU D 270 -5.61 18.01 -25.24
CA LEU D 270 -6.42 19.10 -25.60
C LEU D 270 -7.59 19.09 -24.61
N PRO D 271 -7.30 19.63 -23.40
CA PRO D 271 -8.36 19.77 -22.39
C PRO D 271 -9.42 20.82 -22.84
N SER D 272 -10.63 20.77 -22.24
CA SER D 272 -11.76 21.67 -22.50
C SER D 272 -11.44 23.01 -21.88
N TYR D 273 -10.72 23.02 -20.74
CA TYR D 273 -10.29 24.24 -20.02
C TYR D 273 -8.80 24.13 -19.68
N TYR D 274 -8.08 25.24 -19.80
CA TYR D 274 -6.64 25.22 -19.66
C TYR D 274 -6.13 25.62 -18.28
N HIS D 275 -6.45 24.73 -17.34
CA HIS D 275 -6.03 24.76 -15.95
C HIS D 275 -5.96 23.30 -15.59
N LEU D 276 -4.75 22.76 -15.44
CA LEU D 276 -4.48 21.37 -15.16
C LEU D 276 -5.47 20.71 -14.23
N HIS D 277 -6.05 19.61 -14.71
CA HIS D 277 -7.02 18.83 -13.96
C HIS D 277 -6.89 17.37 -14.29
N VAL D 278 -6.93 16.51 -13.26
CA VAL D 278 -6.76 15.06 -13.38
C VAL D 278 -8.10 14.39 -13.11
N HIS D 279 -8.53 13.48 -14.00
CA HIS D 279 -9.79 12.72 -13.92
C HIS D 279 -9.56 11.44 -13.20
N PHE D 280 -10.52 11.09 -12.33
CA PHE D 280 -10.53 9.89 -11.52
C PHE D 280 -11.86 9.26 -11.86
N THR D 281 -11.84 8.24 -12.73
CA THR D 281 -13.07 7.60 -13.17
C THR D 281 -13.05 6.11 -12.79
N ALA D 282 -14.23 5.54 -12.42
CA ALA D 282 -14.42 4.11 -12.16
C ALA D 282 -14.00 3.37 -13.45
N LEU D 283 -13.25 2.27 -13.30
CA LEU D 283 -12.71 1.45 -14.39
C LEU D 283 -13.79 0.81 -15.25
N GLY D 284 -14.87 0.38 -14.63
CA GLY D 284 -15.98 -0.24 -15.33
C GLY D 284 -16.77 0.73 -16.17
N PHE D 285 -16.52 2.02 -15.93
CA PHE D 285 -17.18 3.12 -16.60
C PHE D 285 -16.42 3.51 -17.86
N GLU D 286 -17.06 3.29 -19.01
CA GLU D 286 -16.46 3.69 -20.26
C GLU D 286 -16.78 5.17 -20.45
N ALA D 287 -16.08 5.99 -19.65
CA ALA D 287 -16.17 7.43 -19.52
C ALA D 287 -15.84 8.14 -20.82
N PRO D 288 -16.77 8.95 -21.38
CA PRO D 288 -16.40 9.71 -22.59
C PRO D 288 -15.12 10.51 -22.29
N GLY D 289 -14.08 10.20 -23.04
CA GLY D 289 -12.78 10.82 -22.89
C GLY D 289 -11.72 9.88 -22.36
N SER D 290 -12.11 8.63 -21.99
CA SER D 290 -11.18 7.61 -21.52
C SER D 290 -10.42 6.97 -22.71
N GLY D 291 -10.85 7.31 -23.94
CA GLY D 291 -10.27 6.87 -25.21
C GLY D 291 -8.85 7.33 -25.41
N VAL D 292 -7.99 6.47 -26.00
CA VAL D 292 -6.55 6.69 -26.22
C VAL D 292 -6.19 7.99 -26.99
N GLU D 293 -7.07 8.45 -27.90
CA GLU D 293 -6.82 9.67 -28.68
C GLU D 293 -6.91 10.96 -27.82
N ARG D 294 -7.20 10.85 -26.50
CA ARG D 294 -7.29 12.00 -25.58
C ARG D 294 -6.69 11.75 -24.17
N ALA D 295 -6.97 10.60 -23.57
CA ALA D 295 -6.51 10.27 -22.23
C ALA D 295 -5.03 9.90 -22.16
N HIS D 296 -4.39 10.37 -21.10
CA HIS D 296 -2.99 10.14 -20.77
C HIS D 296 -2.98 9.79 -19.30
N LEU D 297 -2.59 8.55 -18.96
CA LEU D 297 -2.55 8.09 -17.56
C LEU D 297 -1.53 8.89 -16.74
N LEU D 298 -1.95 9.42 -15.57
CA LEU D 298 -1.07 10.19 -14.68
C LEU D 298 0.20 9.44 -14.37
N ALA D 299 0.09 8.15 -13.94
CA ALA D 299 1.23 7.30 -13.60
C ALA D 299 2.26 7.32 -14.73
N GLU D 300 1.81 7.08 -15.98
CA GLU D 300 2.64 7.14 -17.20
C GLU D 300 3.21 8.55 -17.43
N VAL D 301 2.39 9.64 -17.32
CA VAL D 301 2.86 11.04 -17.43
C VAL D 301 4.04 11.27 -16.48
N ILE D 302 3.89 10.83 -15.21
CA ILE D 302 4.90 10.96 -14.17
C ILE D 302 6.17 10.22 -14.58
N GLU D 303 6.02 8.96 -15.00
CA GLU D 303 7.14 8.11 -15.39
C GLU D 303 7.91 8.66 -16.56
N ASN D 304 7.20 9.31 -17.52
CA ASN D 304 7.79 9.96 -18.68
C ASN D 304 8.68 11.13 -18.25
N LEU D 305 8.21 12.02 -17.31
CA LEU D 305 9.03 13.17 -16.83
C LEU D 305 10.23 12.69 -16.04
N GLU D 306 10.09 11.53 -15.37
CA GLU D 306 11.20 10.94 -14.63
C GLU D 306 12.27 10.43 -15.62
N CYS D 307 11.84 9.92 -16.79
CA CYS D 307 12.75 9.39 -17.81
C CYS D 307 13.29 10.50 -18.69
N ASP D 308 12.41 11.13 -19.48
CA ASP D 308 12.75 12.22 -20.36
C ASP D 308 12.21 13.53 -19.79
N PRO D 309 13.06 14.39 -19.16
CA PRO D 309 12.55 15.67 -18.59
C PRO D 309 11.84 16.57 -19.61
N ARG D 310 12.39 16.63 -20.82
CA ARG D 310 11.90 17.48 -21.91
C ARG D 310 10.74 16.83 -22.73
N HIS D 311 10.27 15.62 -22.32
CA HIS D 311 9.24 14.81 -22.99
C HIS D 311 8.05 15.58 -23.59
N TYR D 312 7.22 16.21 -22.77
CA TYR D 312 5.98 16.87 -23.22
C TYR D 312 6.21 18.15 -23.95
N GLN D 313 7.45 18.61 -24.05
CA GLN D 313 7.75 19.82 -24.81
C GLN D 313 8.21 19.45 -26.19
N GLN D 314 8.85 18.27 -26.32
CA GLN D 314 9.46 17.76 -27.55
C GLN D 314 8.63 16.73 -28.33
N ARG D 315 7.97 15.81 -27.63
CA ARG D 315 7.25 14.70 -28.25
C ARG D 315 5.93 15.08 -28.99
N THR D 316 5.57 14.24 -30.02
CA THR D 316 4.36 14.42 -30.83
C THR D 316 3.11 13.89 -30.11
N LEU D 317 2.17 14.78 -29.82
CA LEU D 317 0.91 14.37 -29.19
C LEU D 317 -0.21 14.26 -30.23
N THR D 318 -1.04 13.24 -30.06
CA THR D 318 -2.15 12.90 -30.94
C THR D 318 -3.49 13.14 -30.25
N PHE D 319 -4.38 13.86 -30.94
CA PHE D 319 -5.71 14.19 -30.45
C PHE D 319 -6.68 14.42 -31.60
N ALA D 320 -7.99 14.45 -31.31
CA ALA D 320 -9.01 14.73 -32.31
C ALA D 320 -9.47 16.17 -32.15
N LEU D 321 -9.93 16.78 -33.26
CA LEU D 321 -10.48 18.12 -33.33
C LEU D 321 -11.74 18.13 -34.20
N ARG D 322 -12.68 19.02 -33.88
CA ARG D 322 -13.91 19.20 -34.64
C ARG D 322 -13.54 19.74 -36.00
N ALA D 323 -14.23 19.26 -37.07
CA ALA D 323 -13.99 19.71 -38.46
C ALA D 323 -14.04 21.25 -38.63
N ASP D 324 -14.99 21.90 -37.92
CA ASP D 324 -15.19 23.34 -37.87
C ASP D 324 -14.21 24.09 -36.91
N ASP D 325 -13.28 23.37 -36.24
CA ASP D 325 -12.32 24.03 -35.34
C ASP D 325 -11.28 24.83 -36.13
N PRO D 326 -11.11 26.16 -35.83
CA PRO D 326 -10.11 26.97 -36.56
C PRO D 326 -8.68 26.47 -36.37
N LEU D 327 -8.38 25.91 -35.17
CA LEU D 327 -7.09 25.33 -34.83
C LEU D 327 -6.74 24.15 -35.72
N LEU D 328 -7.76 23.32 -36.10
CA LEU D 328 -7.57 22.19 -37.00
C LEU D 328 -6.98 22.66 -38.33
N LYS D 329 -7.57 23.71 -38.95
CA LYS D 329 -7.08 24.28 -40.22
C LYS D 329 -5.65 24.81 -40.08
N LEU D 330 -5.40 25.59 -39.00
CA LEU D 330 -4.09 26.16 -38.69
C LEU D 330 -2.97 25.11 -38.64
N LEU D 331 -3.26 23.96 -38.01
CA LEU D 331 -2.31 22.86 -37.92
C LEU D 331 -2.15 22.17 -39.28
N GLN D 332 -3.27 21.90 -39.98
CA GLN D 332 -3.31 21.29 -41.31
C GLN D 332 -2.45 22.08 -42.32
N GLU D 333 -2.66 23.42 -42.38
CA GLU D 333 -1.92 24.37 -43.23
C GLU D 333 -0.44 24.40 -42.89
N ALA D 334 -0.12 24.32 -41.59
CA ALA D 334 1.26 24.36 -41.10
C ALA D 334 2.01 23.09 -41.50
N GLN D 335 1.27 21.98 -41.61
CA GLN D 335 1.81 20.65 -41.91
C GLN D 335 1.98 20.34 -43.38
N GLN D 336 1.35 21.10 -44.30
CA GLN D 336 1.51 20.90 -45.75
C GLN D 336 2.32 22.04 -46.40
N SER D 337 3.07 22.78 -45.56
CA SER D 337 3.95 23.89 -45.95
C SER D 337 5.11 24.01 -44.97
#